data_6TNR
#
_entry.id   6TNR
#
_cell.length_a   141.661
_cell.length_b   64.723
_cell.length_c   116.306
_cell.angle_alpha   90.000
_cell.angle_beta   103.100
_cell.angle_gamma   90.000
#
_symmetry.space_group_name_H-M   'C 1 2 1'
#
loop_
_entity.id
_entity.type
_entity.pdbx_description
1 polymer 'Phosphatidylinositol 4,5-bisphosphate 3-kinase catalytic subunit delta isoform'
2 non-polymer ~{N}-[2-methoxy-5-[7-[2-[4-(2-oxidanylpropan-2-yl)piperidin-1-yl]ethoxy]-1,3-dihydro-2-benzofuran-5-yl]pyridin-3-yl]methanesulfonamide
3 water water
#
_entity_poly.entity_id   1
_entity_poly.type   'polypeptide(L)'
_entity_poly.pdbx_seq_one_letter_code
;GGDRVKKLINSQISLLIGKGLHEFDSLRDPEVNDFRTKMRQFCEEAAAHRQQLGWVEWLQYSFPLQLEPSARGWRAGLLR
VSNRALLVNVKFEGSEESFTFQVSTKDMPLALMACALRKKATVFRQPLVEQPEEYALQVNGRHEYLYGNYPLCHFQYICS
CLHSGLTPHLTMVHSSSILAMRDEQSNPAPQVQKPRAKPPPIPAKKPSSVSLWSLEQPFSIELIEGRKVNADERMKLVVQ
AGLFHGNEMLCKTVSSSEVNVCSEPVWKQRLEFDISVCDLPRMARLCFALYAVVEKAKKARSTKKKSKKADCPIAWANLM
LFDYKDQLKTGERCLYMWPSVPDEKGELLNPAGTVRGNPNTESAAALVIYLPEVAPHPVYFPALEKILELGRHGERGRIT
EEEQLQLREILERRGSGELYEHEKDLVWKMRHEVQEHFPEALARLLLVTKWNKHEDVAQMLYLLCSWPELPVLSALELLD
FSFPDCYVGSFAIKSLRKLTDDELFQYLLQLVQVLKYESYLDCELTKFLLGRALANRKIGHFLFWHLRSEMHVPSVALRF
GLIMEAYCRGSTHHMKVLMKQGEALSKLKALNDFVKVSSQKTTKPQTKEMMHMCMRQETYMEALSHLQSPLDPSTLLEEV
CVEQCTFMDSKMKPLWIMYSSEEAGSAGNVGIIFKNGDDLRQDMLTLQMIQLMDVLWKQEGLDLRMTPYGCLPTGDRTGL
IEVVLHSDTIANIQLNKSNMAATAAFNKDALLNWLKSKNPGEALDRAIEEFTLSCAGYCVATYVLGIGDRHSDNIMIRES
GQLFHIDFGHFLGNFKTKFGINRERVPFILTYDFVHVIQQGKTNNSEKFERFRGYCERAYTILRRHGLLFLHLFALMRAA
GLPELSCSKDIQYLKDSLALGKTEEEALKHFRVKFNEALRESWKTKVNWLAHNVSKDNRQ
;
_entity_poly.pdbx_strand_id   A
#
# COMPACT_ATOMS: atom_id res chain seq x y z
N ASP A 3 15.48 -10.64 -32.31
CA ASP A 3 15.19 -9.90 -33.53
C ASP A 3 13.75 -9.37 -33.57
N ARG A 4 12.83 -10.09 -34.27
CA ARG A 4 11.42 -9.71 -34.41
C ARG A 4 10.66 -9.80 -33.08
N VAL A 5 11.03 -10.78 -32.22
CA VAL A 5 10.37 -11.01 -30.94
C VAL A 5 10.80 -9.97 -29.91
N LYS A 6 12.09 -9.55 -29.92
CA LYS A 6 12.62 -8.51 -29.03
C LYS A 6 11.93 -7.16 -29.33
N LYS A 7 11.73 -6.84 -30.62
CA LYS A 7 11.08 -5.60 -31.06
C LYS A 7 9.62 -5.59 -30.64
N LEU A 8 8.93 -6.74 -30.79
CA LEU A 8 7.53 -6.86 -30.41
C LEU A 8 7.39 -6.69 -28.88
N ILE A 9 8.30 -7.32 -28.10
CA ILE A 9 8.24 -7.22 -26.61
C ILE A 9 8.44 -5.77 -26.19
N ASN A 10 9.39 -5.05 -26.84
CA ASN A 10 9.63 -3.62 -26.58
C ASN A 10 8.37 -2.80 -26.82
N SER A 11 7.63 -3.07 -27.91
CA SER A 11 6.39 -2.33 -28.19
C SER A 11 5.29 -2.69 -27.17
N GLN A 12 5.26 -3.95 -26.73
CA GLN A 12 4.27 -4.40 -25.73
C GLN A 12 4.56 -3.77 -24.36
N ILE A 13 5.83 -3.70 -23.92
CA ILE A 13 6.16 -3.03 -22.65
C ILE A 13 5.76 -1.55 -22.76
N SER A 14 6.11 -0.90 -23.89
CA SER A 14 5.78 0.52 -24.09
C SER A 14 4.29 0.81 -23.92
N LEU A 15 3.46 -0.02 -24.52
CA LEU A 15 2.01 0.13 -24.44
C LEU A 15 1.52 -0.15 -23.02
N LEU A 16 2.06 -1.19 -22.36
CA LEU A 16 1.62 -1.57 -21.03
C LEU A 16 1.91 -0.50 -19.94
N ILE A 17 3.12 0.04 -19.95
CA ILE A 17 3.56 0.98 -18.89
C ILE A 17 3.10 2.41 -19.18
N GLY A 18 2.62 2.64 -20.39
CA GLY A 18 2.10 3.92 -20.83
C GLY A 18 3.18 4.92 -21.19
N LYS A 19 4.42 4.43 -21.45
CA LYS A 19 5.56 5.29 -21.81
C LYS A 19 6.42 4.54 -22.83
N GLY A 20 6.68 5.16 -23.98
CA GLY A 20 7.53 4.59 -25.03
C GLY A 20 8.94 4.38 -24.52
N LEU A 21 9.50 3.15 -24.69
CA LEU A 21 10.88 2.85 -24.23
C LEU A 21 11.93 3.73 -24.90
N HIS A 22 11.61 4.26 -26.09
CA HIS A 22 12.49 5.16 -26.88
C HIS A 22 12.74 6.48 -26.11
N GLU A 23 11.79 6.88 -25.24
CA GLU A 23 11.89 8.06 -24.40
C GLU A 23 13.00 7.89 -23.36
N PHE A 24 13.23 6.64 -22.89
CA PHE A 24 14.32 6.39 -21.94
C PHE A 24 15.65 6.64 -22.65
N ASP A 25 15.83 6.07 -23.86
CA ASP A 25 17.05 6.22 -24.68
C ASP A 25 17.36 7.67 -25.02
N SER A 26 16.31 8.46 -25.33
CA SER A 26 16.43 9.88 -25.70
C SER A 26 16.99 10.78 -24.60
N LEU A 27 16.88 10.38 -23.31
CA LEU A 27 17.42 11.17 -22.20
C LEU A 27 18.95 11.23 -22.21
N ARG A 28 19.61 10.21 -22.82
CA ARG A 28 21.07 10.06 -22.88
C ARG A 28 21.66 10.29 -21.46
N ASP A 29 21.03 9.62 -20.50
CA ASP A 29 21.35 9.71 -19.08
C ASP A 29 22.03 8.41 -18.65
N PRO A 30 23.34 8.45 -18.27
CA PRO A 30 24.03 7.22 -17.87
C PRO A 30 23.43 6.52 -16.69
N GLU A 31 22.82 7.27 -15.77
CA GLU A 31 22.16 6.68 -14.60
C GLU A 31 20.96 5.84 -15.02
N VAL A 32 20.21 6.33 -16.02
CA VAL A 32 19.04 5.61 -16.57
C VAL A 32 19.56 4.36 -17.28
N ASN A 33 20.58 4.52 -18.14
CA ASN A 33 21.19 3.42 -18.91
C ASN A 33 21.69 2.29 -18.04
N ASP A 34 22.44 2.62 -16.96
CA ASP A 34 22.99 1.64 -16.02
C ASP A 34 21.88 0.95 -15.25
N PHE A 35 20.85 1.70 -14.85
CA PHE A 35 19.72 1.10 -14.15
C PHE A 35 19.09 0.06 -15.08
N ARG A 36 18.78 0.45 -16.34
CA ARG A 36 18.13 -0.45 -17.31
C ARG A 36 18.90 -1.73 -17.56
N THR A 37 20.23 -1.61 -17.75
CA THR A 37 21.11 -2.75 -17.98
C THR A 37 21.20 -3.66 -16.75
N LYS A 38 21.51 -3.10 -15.58
CA LYS A 38 21.67 -3.88 -14.35
C LYS A 38 20.38 -4.57 -13.94
N MET A 39 19.25 -3.84 -14.03
CA MET A 39 17.99 -4.43 -13.59
C MET A 39 17.45 -5.43 -14.59
N ARG A 40 17.77 -5.29 -15.89
CA ARG A 40 17.33 -6.28 -16.89
C ARG A 40 18.03 -7.59 -16.59
N GLN A 41 19.35 -7.54 -16.30
CA GLN A 41 20.15 -8.71 -15.96
C GLN A 41 19.62 -9.35 -14.69
N PHE A 42 19.36 -8.55 -13.64
CA PHE A 42 18.79 -9.07 -12.38
C PHE A 42 17.47 -9.79 -12.61
N CYS A 43 16.55 -9.13 -13.36
CA CYS A 43 15.21 -9.70 -13.59
C CYS A 43 15.22 -10.90 -14.53
N GLU A 44 16.08 -10.92 -15.55
CA GLU A 44 16.19 -12.09 -16.44
C GLU A 44 16.80 -13.30 -15.70
N GLU A 45 17.68 -13.05 -14.70
CA GLU A 45 18.25 -14.13 -13.87
C GLU A 45 17.14 -14.76 -13.01
N ALA A 46 16.24 -13.92 -12.47
CA ALA A 46 15.11 -14.38 -11.69
C ALA A 46 14.18 -15.22 -12.57
N ALA A 47 13.97 -14.79 -13.84
CA ALA A 47 13.11 -15.54 -14.77
C ALA A 47 13.72 -16.95 -15.07
N ALA A 48 15.05 -17.05 -15.23
CA ALA A 48 15.71 -18.34 -15.49
C ALA A 48 15.52 -19.30 -14.32
N HIS A 49 15.64 -18.80 -13.09
CA HIS A 49 15.45 -19.57 -11.85
C HIS A 49 14.00 -20.09 -11.80
N ARG A 50 13.04 -19.23 -12.16
CA ARG A 50 11.62 -19.58 -12.10
C ARG A 50 11.23 -20.68 -13.09
N GLN A 51 11.80 -20.66 -14.29
CA GLN A 51 11.45 -21.63 -15.33
C GLN A 51 11.89 -23.04 -15.04
N GLN A 52 12.78 -23.20 -14.06
CA GLN A 52 13.24 -24.54 -13.69
C GLN A 52 12.77 -24.96 -12.29
N LEU A 53 11.85 -24.18 -11.69
CA LEU A 53 11.32 -24.53 -10.37
C LEU A 53 10.67 -25.89 -10.46
N GLY A 54 10.67 -26.59 -9.33
CA GLY A 54 9.92 -27.83 -9.21
C GLY A 54 8.45 -27.49 -9.23
N TRP A 55 7.57 -28.45 -9.57
CA TRP A 55 6.14 -28.17 -9.70
C TRP A 55 5.48 -27.62 -8.39
N VAL A 56 5.93 -28.04 -7.19
CA VAL A 56 5.37 -27.48 -5.94
C VAL A 56 5.87 -26.03 -5.73
N GLU A 57 7.15 -25.79 -6.04
CA GLU A 57 7.73 -24.44 -5.95
C GLU A 57 7.04 -23.54 -6.92
N TRP A 58 6.69 -24.07 -8.10
CA TRP A 58 6.00 -23.24 -9.07
C TRP A 58 4.56 -22.87 -8.60
N LEU A 59 3.89 -23.78 -7.88
CA LEU A 59 2.59 -23.48 -7.26
C LEU A 59 2.82 -22.37 -6.23
N GLN A 60 3.95 -22.40 -5.48
CA GLN A 60 4.27 -21.39 -4.45
C GLN A 60 4.50 -20.04 -5.10
N TYR A 61 5.05 -20.03 -6.31
CA TYR A 61 5.26 -18.80 -7.06
C TYR A 61 3.94 -18.21 -7.60
N SER A 62 3.20 -19.05 -8.34
CA SER A 62 2.04 -18.58 -9.09
C SER A 62 0.73 -18.50 -8.25
N PHE A 63 0.57 -19.43 -7.30
CA PHE A 63 -0.64 -19.52 -6.47
C PHE A 63 -0.21 -19.57 -5.00
N PRO A 64 0.40 -18.48 -4.45
CA PRO A 64 0.85 -18.54 -3.05
C PRO A 64 -0.34 -18.77 -2.11
N LEU A 65 -0.17 -19.66 -1.13
CA LEU A 65 -1.24 -20.05 -0.21
C LEU A 65 -1.91 -18.87 0.48
N GLN A 66 -3.23 -18.95 0.60
CA GLN A 66 -4.03 -17.92 1.27
C GLN A 66 -4.54 -18.55 2.56
N LEU A 67 -3.79 -18.31 3.61
CA LEU A 67 -4.06 -18.90 4.92
C LEU A 67 -4.69 -17.90 5.86
N GLU A 68 -5.43 -18.43 6.84
CA GLU A 68 -6.08 -17.63 7.86
C GLU A 68 -5.00 -16.96 8.75
N PRO A 69 -5.14 -15.66 9.15
CA PRO A 69 -4.10 -15.00 9.98
C PRO A 69 -3.65 -15.74 11.22
N SER A 70 -4.56 -16.49 11.87
CA SER A 70 -4.24 -17.29 13.07
C SER A 70 -3.36 -18.51 12.76
N ALA A 71 -3.36 -18.95 11.49
CA ALA A 71 -2.61 -20.14 11.04
C ALA A 71 -1.17 -19.85 10.57
N ARG A 72 -0.86 -18.59 10.22
CA ARG A 72 0.45 -18.17 9.67
C ARG A 72 1.64 -18.29 10.63
N GLY A 73 2.71 -18.91 10.13
CA GLY A 73 3.95 -19.13 10.88
C GLY A 73 3.89 -20.34 11.80
N ASN A 83 -12.27 -32.64 14.47
CA ASN A 83 -13.02 -31.60 15.17
C ASN A 83 -14.42 -31.40 14.56
N ARG A 84 -14.52 -30.66 13.43
CA ARG A 84 -15.81 -30.38 12.79
C ARG A 84 -15.97 -31.12 11.45
N ALA A 85 -17.18 -31.60 11.16
CA ALA A 85 -17.51 -32.31 9.91
C ALA A 85 -17.68 -31.32 8.76
N LEU A 86 -17.15 -31.66 7.57
CA LEU A 86 -17.18 -30.80 6.39
C LEU A 86 -17.41 -31.62 5.12
N LEU A 87 -18.42 -31.22 4.33
CA LEU A 87 -18.68 -31.87 3.05
C LEU A 87 -17.87 -31.12 2.00
N VAL A 88 -17.11 -31.85 1.16
CA VAL A 88 -16.33 -31.24 0.07
C VAL A 88 -16.71 -31.88 -1.24
N ASN A 89 -16.74 -31.08 -2.31
CA ASN A 89 -17.01 -31.62 -3.63
C ASN A 89 -15.70 -31.60 -4.38
N VAL A 90 -15.25 -32.76 -4.88
CA VAL A 90 -13.98 -32.88 -5.61
C VAL A 90 -14.18 -33.55 -6.95
N LYS A 91 -13.65 -32.92 -8.01
CA LYS A 91 -13.58 -33.49 -9.34
C LYS A 91 -12.13 -33.52 -9.83
N PHE A 92 -11.88 -34.22 -10.93
CA PHE A 92 -10.55 -34.33 -11.56
C PHE A 92 -10.58 -33.46 -12.81
N GLU A 93 -9.42 -32.89 -13.17
CA GLU A 93 -9.31 -31.95 -14.31
C GLU A 93 -9.88 -32.50 -15.62
N GLY A 94 -10.72 -31.70 -16.26
CA GLY A 94 -11.33 -32.02 -17.55
C GLY A 94 -12.41 -33.09 -17.51
N SER A 95 -12.94 -33.38 -16.31
CA SER A 95 -14.00 -34.37 -16.10
C SER A 95 -15.22 -33.66 -15.55
N GLU A 96 -16.39 -33.99 -16.11
CA GLU A 96 -17.66 -33.41 -15.68
C GLU A 96 -18.13 -34.04 -14.36
N GLU A 97 -17.69 -35.28 -14.10
CA GLU A 97 -18.05 -36.05 -12.91
C GLU A 97 -17.34 -35.55 -11.65
N SER A 98 -18.10 -35.48 -10.55
CA SER A 98 -17.60 -35.05 -9.24
C SER A 98 -17.96 -36.04 -8.13
N PHE A 99 -17.24 -35.95 -6.99
CA PHE A 99 -17.44 -36.78 -5.82
C PHE A 99 -17.67 -35.88 -4.60
N THR A 100 -18.75 -36.12 -3.84
CA THR A 100 -19.00 -35.36 -2.61
C THR A 100 -18.72 -36.24 -1.41
N PHE A 101 -17.85 -35.80 -0.52
CA PHE A 101 -17.54 -36.62 0.65
C PHE A 101 -17.31 -35.81 1.91
N GLN A 102 -17.46 -36.49 3.05
CA GLN A 102 -17.30 -35.88 4.36
C GLN A 102 -15.87 -36.06 4.82
N VAL A 103 -15.27 -34.95 5.23
CA VAL A 103 -13.92 -34.88 5.79
C VAL A 103 -14.02 -34.08 7.09
N SER A 104 -12.91 -33.94 7.80
CA SER A 104 -12.85 -33.14 9.01
C SER A 104 -12.10 -31.85 8.69
N THR A 105 -12.43 -30.77 9.43
CA THR A 105 -11.75 -29.48 9.34
C THR A 105 -10.29 -29.61 9.72
N LYS A 106 -9.96 -30.63 10.54
CA LYS A 106 -8.59 -30.88 10.99
C LYS A 106 -7.77 -31.74 9.99
N ASP A 107 -8.44 -32.34 8.98
CA ASP A 107 -7.75 -33.15 7.97
C ASP A 107 -6.88 -32.27 7.08
N MET A 108 -5.85 -32.85 6.51
CA MET A 108 -4.95 -32.11 5.62
C MET A 108 -5.32 -32.38 4.14
N PRO A 109 -4.93 -31.49 3.17
CA PRO A 109 -5.28 -31.74 1.76
C PRO A 109 -4.91 -33.13 1.24
N LEU A 110 -3.78 -33.70 1.70
CA LEU A 110 -3.34 -35.04 1.28
C LEU A 110 -4.36 -36.13 1.55
N ALA A 111 -5.03 -36.09 2.72
CA ALA A 111 -6.04 -37.10 3.07
C ALA A 111 -7.27 -36.94 2.17
N LEU A 112 -7.64 -35.69 1.85
CA LEU A 112 -8.76 -35.37 0.98
C LEU A 112 -8.47 -35.92 -0.43
N MET A 113 -7.22 -35.72 -0.89
CA MET A 113 -6.76 -36.16 -2.21
C MET A 113 -6.68 -37.68 -2.30
N ALA A 114 -6.20 -38.35 -1.24
CA ALA A 114 -6.12 -39.83 -1.20
C ALA A 114 -7.52 -40.45 -1.31
N CYS A 115 -8.51 -39.80 -0.66
CA CYS A 115 -9.91 -40.18 -0.68
C CYS A 115 -10.51 -40.02 -2.08
N ALA A 116 -10.20 -38.90 -2.76
CA ALA A 116 -10.62 -38.64 -4.14
C ALA A 116 -9.98 -39.65 -5.10
N LEU A 117 -8.71 -40.05 -4.83
CA LEU A 117 -8.01 -41.03 -5.69
C LEU A 117 -8.54 -42.44 -5.53
N ARG A 118 -8.93 -42.82 -4.30
CA ARG A 118 -9.51 -44.13 -4.04
C ARG A 118 -10.88 -44.18 -4.72
N LYS A 119 -11.66 -43.07 -4.64
CA LYS A 119 -12.98 -42.94 -5.29
C LYS A 119 -12.88 -43.08 -6.81
N LYS A 120 -11.86 -42.43 -7.45
CA LYS A 120 -11.59 -42.50 -8.89
C LYS A 120 -11.21 -43.94 -9.32
N ALA A 121 -10.30 -44.59 -8.55
CA ALA A 121 -9.87 -45.97 -8.78
C ALA A 121 -11.03 -46.97 -8.80
N THR A 122 -12.05 -46.76 -7.92
CA THR A 122 -13.22 -47.68 -7.87
C THR A 122 -14.13 -47.46 -9.07
N VAL A 123 -14.38 -46.18 -9.43
CA VAL A 123 -15.22 -45.80 -10.56
C VAL A 123 -14.58 -46.21 -11.90
N PHE A 124 -13.28 -45.91 -12.09
CA PHE A 124 -12.54 -46.22 -13.32
C PHE A 124 -11.99 -47.66 -13.38
N ARG A 125 -12.34 -48.49 -12.37
CA ARG A 125 -12.04 -49.92 -12.23
C ARG A 125 -10.54 -50.29 -12.31
N GLN A 126 -9.63 -49.37 -11.98
CA GLN A 126 -8.21 -49.66 -12.04
C GLN A 126 -7.41 -49.19 -10.84
N PRO A 127 -6.51 -50.04 -10.26
CA PRO A 127 -5.68 -49.59 -9.13
C PRO A 127 -4.64 -48.60 -9.67
N LEU A 128 -4.97 -47.29 -9.54
CA LEU A 128 -4.20 -46.15 -10.05
C LEU A 128 -2.74 -46.09 -9.61
N VAL A 129 -1.84 -45.72 -10.53
CA VAL A 129 -0.40 -45.55 -10.31
C VAL A 129 -0.16 -44.26 -9.51
N GLU A 130 -1.05 -43.25 -9.71
CA GLU A 130 -1.03 -41.94 -9.06
C GLU A 130 -1.20 -41.97 -7.55
N GLN A 131 -0.25 -41.31 -6.86
CA GLN A 131 -0.17 -41.13 -5.42
C GLN A 131 -0.74 -39.73 -5.10
N PRO A 132 -1.32 -39.47 -3.89
CA PRO A 132 -1.86 -38.11 -3.62
C PRO A 132 -0.81 -37.01 -3.64
N GLU A 133 0.47 -37.36 -3.48
CA GLU A 133 1.63 -36.44 -3.51
C GLU A 133 1.89 -35.82 -4.90
N GLU A 134 1.31 -36.39 -5.94
CA GLU A 134 1.45 -35.92 -7.34
C GLU A 134 0.38 -34.85 -7.68
N TYR A 135 -0.46 -34.47 -6.72
CA TYR A 135 -1.58 -33.55 -6.95
C TYR A 135 -1.63 -32.33 -6.04
N ALA A 136 -2.38 -31.31 -6.50
CA ALA A 136 -2.73 -30.11 -5.73
C ALA A 136 -4.22 -29.88 -5.99
N LEU A 137 -4.89 -29.20 -5.06
CA LEU A 137 -6.31 -28.93 -5.19
C LEU A 137 -6.56 -27.51 -5.64
N GLN A 138 -7.12 -27.34 -6.82
CA GLN A 138 -7.51 -26.00 -7.30
C GLN A 138 -8.89 -25.67 -6.77
N VAL A 139 -9.13 -24.42 -6.38
CA VAL A 139 -10.45 -23.93 -6.00
C VAL A 139 -11.15 -23.72 -7.38
N ASN A 140 -12.31 -24.39 -7.66
CA ASN A 140 -12.93 -24.34 -9.00
C ASN A 140 -13.06 -22.94 -9.57
N GLY A 141 -12.58 -22.79 -10.79
CA GLY A 141 -12.61 -21.54 -11.55
C GLY A 141 -11.89 -20.36 -10.97
N ARG A 142 -10.90 -20.59 -10.06
CA ARG A 142 -10.11 -19.51 -9.44
C ARG A 142 -8.64 -19.85 -9.59
N HIS A 143 -7.76 -18.85 -9.59
CA HIS A 143 -6.30 -19.13 -9.55
C HIS A 143 -5.87 -19.20 -8.10
N GLU A 144 -6.39 -20.21 -7.40
CA GLU A 144 -6.15 -20.41 -5.98
C GLU A 144 -6.08 -21.91 -5.75
N TYR A 145 -5.07 -22.35 -4.96
CA TYR A 145 -4.87 -23.78 -4.72
C TYR A 145 -4.72 -24.06 -3.25
N LEU A 146 -5.06 -25.30 -2.87
CA LEU A 146 -4.86 -25.78 -1.51
C LEU A 146 -3.85 -26.89 -1.63
N TYR A 147 -2.76 -26.77 -0.86
CA TYR A 147 -1.66 -27.72 -0.84
C TYR A 147 -0.86 -27.43 0.44
N GLY A 148 0.07 -28.32 0.77
CA GLY A 148 0.90 -28.19 1.97
C GLY A 148 0.31 -28.89 3.20
N ASN A 149 1.16 -29.06 4.22
CA ASN A 149 0.80 -29.72 5.47
C ASN A 149 0.06 -28.78 6.43
N TYR A 150 -1.14 -28.38 6.06
CA TYR A 150 -2.00 -27.52 6.87
C TYR A 150 -3.38 -28.12 6.99
N PRO A 151 -4.02 -28.05 8.19
CA PRO A 151 -5.41 -28.52 8.31
C PRO A 151 -6.28 -27.69 7.39
N LEU A 152 -7.36 -28.29 6.85
CA LEU A 152 -8.25 -27.60 5.90
C LEU A 152 -8.80 -26.26 6.41
N CYS A 153 -9.13 -26.15 7.72
CA CYS A 153 -9.66 -24.89 8.26
C CYS A 153 -8.60 -23.76 8.32
N HIS A 154 -7.30 -24.07 8.14
CA HIS A 154 -6.22 -23.07 8.09
C HIS A 154 -6.27 -22.29 6.75
N PHE A 155 -6.96 -22.85 5.72
CA PHE A 155 -7.07 -22.21 4.40
C PHE A 155 -8.20 -21.23 4.39
N GLN A 156 -7.94 -20.01 3.88
CA GLN A 156 -8.98 -18.96 3.77
C GLN A 156 -10.23 -19.41 3.04
N TYR A 157 -10.07 -20.15 1.92
CA TYR A 157 -11.20 -20.67 1.15
C TYR A 157 -12.11 -21.58 2.01
N ILE A 158 -11.53 -22.54 2.73
CA ILE A 158 -12.29 -23.46 3.58
C ILE A 158 -12.95 -22.74 4.75
N CYS A 159 -12.18 -21.90 5.47
CA CYS A 159 -12.69 -21.13 6.60
C CYS A 159 -13.90 -20.27 6.21
N SER A 160 -13.85 -19.66 5.02
CA SER A 160 -14.91 -18.87 4.41
C SER A 160 -16.16 -19.74 4.15
N CYS A 161 -15.96 -20.93 3.53
CA CYS A 161 -17.06 -21.87 3.24
C CYS A 161 -17.73 -22.32 4.53
N LEU A 162 -16.92 -22.66 5.56
CA LEU A 162 -17.37 -23.09 6.88
C LEU A 162 -18.25 -22.07 7.59
N HIS A 163 -17.98 -20.76 7.37
CA HIS A 163 -18.78 -19.70 7.96
C HIS A 163 -20.02 -19.34 7.12
N SER A 164 -19.90 -19.36 5.77
CA SER A 164 -21.02 -19.07 4.87
C SER A 164 -22.00 -20.25 4.72
N GLY A 165 -21.60 -21.44 5.17
CA GLY A 165 -22.38 -22.67 5.07
C GLY A 165 -22.23 -23.37 3.73
N LEU A 166 -21.52 -22.74 2.76
CA LEU A 166 -21.30 -23.26 1.41
C LEU A 166 -20.36 -24.47 1.38
N THR A 167 -20.52 -25.33 0.36
CA THR A 167 -19.72 -26.56 0.18
C THR A 167 -18.46 -26.24 -0.66
N PRO A 168 -17.26 -26.49 -0.13
CA PRO A 168 -16.06 -26.28 -0.97
C PRO A 168 -16.08 -27.11 -2.27
N HIS A 169 -15.77 -26.47 -3.40
CA HIS A 169 -15.69 -27.15 -4.71
C HIS A 169 -14.26 -27.12 -5.20
N LEU A 170 -13.62 -28.29 -5.28
CA LEU A 170 -12.20 -28.39 -5.61
C LEU A 170 -11.91 -29.29 -6.79
N THR A 171 -10.82 -28.99 -7.51
CA THR A 171 -10.36 -29.77 -8.65
C THR A 171 -8.99 -30.38 -8.38
N MET A 172 -8.86 -31.70 -8.58
CA MET A 172 -7.59 -32.42 -8.44
C MET A 172 -6.77 -32.11 -9.67
N VAL A 173 -5.63 -31.44 -9.47
CA VAL A 173 -4.77 -31.07 -10.60
C VAL A 173 -3.45 -31.81 -10.45
N HIS A 174 -3.06 -32.59 -11.48
CA HIS A 174 -1.84 -33.40 -11.51
C HIS A 174 -0.60 -32.53 -11.73
N SER A 175 0.54 -32.97 -11.22
CA SER A 175 1.83 -32.28 -11.37
C SER A 175 2.19 -31.98 -12.83
N SER A 176 1.87 -32.90 -13.77
CA SER A 176 2.15 -32.72 -15.22
C SER A 176 1.37 -31.54 -15.78
N SER A 177 0.16 -31.31 -15.27
CA SER A 177 -0.65 -30.16 -15.69
C SER A 177 -0.02 -28.85 -15.15
N ILE A 178 0.47 -28.86 -13.91
CA ILE A 178 1.16 -27.70 -13.29
C ILE A 178 2.47 -27.41 -14.06
N LEU A 179 3.20 -28.46 -14.46
CA LEU A 179 4.44 -28.28 -15.22
C LEU A 179 4.18 -27.71 -16.60
N ALA A 180 3.08 -28.15 -17.23
CA ALA A 180 2.63 -27.61 -18.52
C ALA A 180 2.37 -26.10 -18.37
N MET A 181 1.82 -25.65 -17.23
CA MET A 181 1.54 -24.23 -16.98
C MET A 181 2.86 -23.48 -16.90
N ARG A 182 3.84 -24.04 -16.13
CA ARG A 182 5.17 -23.46 -15.97
C ARG A 182 5.85 -23.28 -17.34
N ASP A 183 5.86 -24.35 -18.16
CA ASP A 183 6.49 -24.36 -19.48
C ASP A 183 5.85 -23.40 -20.48
N GLU A 184 4.50 -23.31 -20.49
CA GLU A 184 3.75 -22.39 -21.37
C GLU A 184 4.06 -20.93 -21.04
N GLN A 185 4.41 -20.69 -19.78
CA GLN A 185 4.64 -19.34 -19.26
C GLN A 185 6.09 -18.88 -19.30
N SER A 186 6.95 -19.59 -20.05
CA SER A 186 8.35 -19.25 -20.19
C SER A 186 8.61 -17.95 -20.96
N ASN A 187 9.70 -17.23 -20.59
CA ASN A 187 10.18 -16.05 -21.31
C ASN A 187 10.74 -16.63 -22.64
N PRO A 188 10.59 -15.94 -23.80
CA PRO A 188 11.14 -16.51 -25.06
C PRO A 188 12.66 -16.65 -25.07
N ALA A 189 13.18 -17.56 -25.92
CA ALA A 189 14.61 -17.84 -26.08
C ALA A 189 15.33 -16.68 -26.78
N SER A 211 40.93 13.18 -1.85
CA SER A 211 40.17 12.84 -0.64
C SER A 211 39.31 14.02 -0.18
N LEU A 212 38.02 13.72 0.03
CA LEU A 212 36.97 14.65 0.47
C LEU A 212 37.29 15.26 1.82
N TRP A 213 37.77 14.43 2.77
CA TRP A 213 38.07 14.81 4.14
C TRP A 213 39.21 15.84 4.29
N SER A 214 39.97 16.12 3.22
CA SER A 214 41.06 17.11 3.23
C SER A 214 40.53 18.48 2.80
N LEU A 215 39.32 18.51 2.19
CA LEU A 215 38.71 19.73 1.68
C LEU A 215 38.00 20.50 2.82
N GLU A 216 38.77 21.33 3.55
CA GLU A 216 38.25 22.07 4.71
C GLU A 216 37.48 23.35 4.38
N GLN A 217 37.57 23.86 3.14
CA GLN A 217 36.92 25.11 2.73
C GLN A 217 35.38 25.04 2.87
N PRO A 218 34.70 26.19 3.13
CA PRO A 218 33.23 26.16 3.26
C PRO A 218 32.59 25.79 1.94
N PHE A 219 31.49 25.02 1.95
CA PHE A 219 30.80 24.67 0.72
C PHE A 219 30.14 25.95 0.19
N SER A 220 30.20 26.12 -1.13
CA SER A 220 29.65 27.29 -1.79
C SER A 220 29.22 26.93 -3.20
N ILE A 221 28.34 27.75 -3.79
CA ILE A 221 27.85 27.61 -5.17
C ILE A 221 27.76 29.01 -5.75
N GLU A 222 27.65 29.08 -7.08
CA GLU A 222 27.38 30.34 -7.74
C GLU A 222 25.97 30.22 -8.26
N LEU A 223 25.13 31.21 -7.94
CA LEU A 223 23.77 31.29 -8.46
C LEU A 223 23.92 32.17 -9.69
N ILE A 224 23.80 31.59 -10.91
CA ILE A 224 24.03 32.34 -12.14
C ILE A 224 22.77 33.14 -12.55
N GLU A 225 21.74 32.46 -13.04
CA GLU A 225 20.52 33.09 -13.57
C GLU A 225 19.27 32.21 -13.47
N GLY A 226 18.12 32.83 -13.72
CA GLY A 226 16.81 32.20 -13.80
C GLY A 226 16.25 32.40 -15.19
N ARG A 227 15.41 31.47 -15.65
CA ARG A 227 14.78 31.49 -16.98
C ARG A 227 13.32 31.11 -16.87
N LYS A 228 12.45 31.70 -17.70
CA LYS A 228 11.00 31.42 -17.76
C LYS A 228 10.28 31.66 -16.39
N VAL A 229 10.72 32.66 -15.65
CA VAL A 229 10.15 33.03 -14.35
C VAL A 229 8.88 33.88 -14.58
N ASN A 230 7.77 33.51 -13.92
CA ASN A 230 6.50 34.25 -13.99
C ASN A 230 6.06 34.75 -12.62
N ALA A 231 6.15 36.07 -12.41
CA ALA A 231 5.76 36.71 -11.16
C ALA A 231 5.28 38.11 -11.41
N ASP A 232 4.70 38.75 -10.37
CA ASP A 232 4.26 40.14 -10.40
C ASP A 232 5.48 41.05 -10.55
N GLU A 233 5.51 41.86 -11.63
CA GLU A 233 6.61 42.79 -11.97
C GLU A 233 6.89 43.89 -10.92
N ARG A 234 5.93 44.14 -10.02
CA ARG A 234 6.07 45.14 -8.96
C ARG A 234 6.97 44.59 -7.82
N MET A 235 7.05 43.27 -7.70
CA MET A 235 7.79 42.62 -6.62
C MET A 235 9.26 42.36 -6.97
N LYS A 236 9.99 41.71 -6.05
CA LYS A 236 11.39 41.35 -6.27
C LYS A 236 11.53 39.82 -6.16
N LEU A 237 12.58 39.24 -6.75
CA LEU A 237 12.83 37.77 -6.74
C LEU A 237 13.99 37.46 -5.80
N VAL A 238 13.87 36.38 -5.02
CA VAL A 238 14.89 35.90 -4.07
C VAL A 238 14.98 34.38 -4.21
N VAL A 239 16.20 33.83 -4.04
CA VAL A 239 16.43 32.39 -4.06
C VAL A 239 16.94 32.05 -2.65
N GLN A 240 16.21 31.18 -1.96
CA GLN A 240 16.57 30.67 -0.65
C GLN A 240 17.17 29.30 -0.95
N ALA A 241 18.30 28.98 -0.32
CA ALA A 241 19.01 27.73 -0.53
C ALA A 241 19.41 27.12 0.81
N GLY A 242 19.21 25.82 0.93
CA GLY A 242 19.54 25.11 2.15
C GLY A 242 20.14 23.75 1.84
N LEU A 243 21.01 23.28 2.73
CA LEU A 243 21.62 21.94 2.64
C LEU A 243 20.94 21.08 3.67
N PHE A 244 20.46 19.91 3.23
CA PHE A 244 19.70 19.01 4.06
C PHE A 244 20.22 17.57 4.03
N HIS A 245 19.95 16.86 5.11
CA HIS A 245 20.19 15.43 5.23
C HIS A 245 18.84 14.95 5.70
N GLY A 246 18.01 14.56 4.74
CA GLY A 246 16.62 14.21 5.02
C GLY A 246 15.85 15.48 5.30
N ASN A 247 15.18 15.56 6.47
CA ASN A 247 14.41 16.74 6.86
C ASN A 247 15.32 17.76 7.58
N GLU A 248 16.43 17.27 8.17
CA GLU A 248 17.36 18.04 8.97
C GLU A 248 18.31 18.92 8.19
N MET A 249 18.40 20.19 8.58
CA MET A 249 19.32 21.16 7.99
C MET A 249 20.74 20.81 8.41
N LEU A 250 21.70 20.91 7.47
CA LEU A 250 23.11 20.62 7.76
C LEU A 250 23.84 21.86 8.25
N CYS A 251 23.22 23.03 8.05
CA CYS A 251 23.69 24.38 8.44
C CYS A 251 22.55 25.37 8.18
N LYS A 252 22.71 26.64 8.57
CA LYS A 252 21.64 27.61 8.31
C LYS A 252 21.40 27.82 6.80
N THR A 253 20.18 28.24 6.45
CA THR A 253 19.84 28.51 5.05
C THR A 253 20.49 29.84 4.63
N VAL A 254 20.71 30.01 3.33
CA VAL A 254 21.31 31.23 2.80
C VAL A 254 20.40 31.77 1.70
N SER A 255 20.25 33.09 1.63
CA SER A 255 19.39 33.70 0.62
C SER A 255 20.20 34.60 -0.29
N SER A 256 19.80 34.68 -1.58
CA SER A 256 20.47 35.56 -2.53
C SER A 256 20.04 37.01 -2.26
N SER A 257 20.57 37.96 -3.06
CA SER A 257 20.15 39.35 -3.01
C SER A 257 18.77 39.44 -3.70
N GLU A 258 17.96 40.45 -3.34
CA GLU A 258 16.65 40.69 -3.94
C GLU A 258 16.93 41.35 -5.29
N VAL A 259 16.39 40.79 -6.38
CA VAL A 259 16.58 41.34 -7.73
C VAL A 259 15.17 41.63 -8.31
N ASN A 260 15.03 42.60 -9.24
CA ASN A 260 13.71 42.94 -9.80
C ASN A 260 13.12 41.80 -10.62
N VAL A 261 11.79 41.59 -10.52
CA VAL A 261 11.07 40.57 -11.29
C VAL A 261 11.23 40.82 -12.79
N CYS A 262 11.65 39.77 -13.50
CA CYS A 262 11.78 39.67 -14.95
C CYS A 262 11.83 38.18 -15.30
N SER A 263 11.58 37.83 -16.57
CA SER A 263 11.55 36.46 -17.11
C SER A 263 12.90 35.75 -16.94
N GLU A 264 14.01 36.49 -17.15
CA GLU A 264 15.37 35.95 -17.05
C GLU A 264 16.21 36.67 -15.98
N PRO A 265 15.96 36.49 -14.65
CA PRO A 265 16.78 37.20 -13.63
C PRO A 265 18.23 36.75 -13.63
N VAL A 266 19.14 37.67 -13.33
CA VAL A 266 20.58 37.43 -13.30
C VAL A 266 21.12 37.78 -11.93
N TRP A 267 21.74 36.78 -11.25
CA TRP A 267 22.35 37.02 -9.95
C TRP A 267 23.87 37.03 -10.06
N LYS A 268 24.46 35.97 -10.67
CA LYS A 268 25.91 35.77 -10.83
C LYS A 268 26.63 36.01 -9.51
N GLN A 269 26.10 35.39 -8.43
CA GLN A 269 26.64 35.59 -7.09
C GLN A 269 26.93 34.32 -6.34
N ARG A 270 27.94 34.38 -5.49
CA ARG A 270 28.38 33.27 -4.66
C ARG A 270 27.53 33.14 -3.40
N LEU A 271 27.00 31.94 -3.16
CA LEU A 271 26.25 31.63 -1.94
C LEU A 271 27.15 30.72 -1.11
N GLU A 272 27.62 31.19 0.04
CA GLU A 272 28.48 30.38 0.91
C GLU A 272 27.75 29.84 2.13
N PHE A 273 27.92 28.54 2.39
CA PHE A 273 27.25 27.82 3.48
C PHE A 273 28.18 27.56 4.67
N ASP A 274 27.61 27.49 5.88
CA ASP A 274 28.34 27.29 7.13
C ASP A 274 28.57 25.78 7.42
N ILE A 275 29.33 25.14 6.50
CA ILE A 275 29.71 23.72 6.53
C ILE A 275 30.90 23.52 5.59
N SER A 276 31.91 22.77 6.04
CA SER A 276 33.11 22.48 5.25
C SER A 276 32.75 21.41 4.22
N VAL A 277 33.45 21.40 3.06
CA VAL A 277 33.20 20.41 2.00
C VAL A 277 33.40 18.98 2.54
N CYS A 278 34.44 18.80 3.39
CA CYS A 278 34.78 17.52 4.02
C CYS A 278 33.66 16.94 4.88
N ASP A 279 32.78 17.81 5.44
CA ASP A 279 31.67 17.43 6.34
C ASP A 279 30.32 17.13 5.67
N LEU A 280 30.26 17.22 4.33
CA LEU A 280 29.04 16.93 3.59
C LEU A 280 28.78 15.43 3.67
N PRO A 281 27.64 14.99 4.23
CA PRO A 281 27.36 13.55 4.28
C PRO A 281 27.05 13.06 2.86
N ARG A 282 27.19 11.75 2.63
CA ARG A 282 26.94 11.11 1.33
C ARG A 282 25.58 11.48 0.70
N MET A 283 24.53 11.53 1.53
CA MET A 283 23.17 11.81 1.06
C MET A 283 22.77 13.28 1.18
N ALA A 284 23.75 14.20 1.19
CA ALA A 284 23.46 15.63 1.27
C ALA A 284 22.69 16.09 0.04
N ARG A 285 21.62 16.86 0.26
CA ARG A 285 20.83 17.44 -0.82
C ARG A 285 20.82 18.97 -0.70
N LEU A 286 21.02 19.63 -1.84
CA LEU A 286 21.02 21.07 -1.95
C LEU A 286 19.64 21.45 -2.48
N CYS A 287 18.92 22.23 -1.66
CA CYS A 287 17.53 22.57 -1.92
C CYS A 287 17.33 24.03 -2.16
N PHE A 288 16.57 24.33 -3.20
CA PHE A 288 16.30 25.71 -3.61
C PHE A 288 14.83 26.05 -3.62
N ALA A 289 14.51 27.31 -3.34
CA ALA A 289 13.15 27.84 -3.45
C ALA A 289 13.23 29.24 -4.06
N LEU A 290 12.50 29.47 -5.14
CA LEU A 290 12.47 30.77 -5.82
C LEU A 290 11.15 31.42 -5.42
N TYR A 291 11.19 32.64 -4.90
CA TYR A 291 9.96 33.29 -4.49
C TYR A 291 9.99 34.79 -4.78
N ALA A 292 8.82 35.42 -4.74
CA ALA A 292 8.65 36.85 -4.95
C ALA A 292 8.31 37.52 -3.63
N VAL A 293 8.89 38.71 -3.38
CA VAL A 293 8.65 39.46 -2.15
C VAL A 293 8.26 40.91 -2.44
N VAL A 294 7.40 41.48 -1.56
CA VAL A 294 6.95 42.87 -1.60
C VAL A 294 8.06 43.77 -1.05
N ASP A 311 4.78 36.75 1.44
CA ASP A 311 5.67 35.97 0.58
C ASP A 311 4.87 35.23 -0.49
N CYS A 312 5.34 35.32 -1.75
CA CYS A 312 4.70 34.71 -2.92
C CYS A 312 5.56 33.54 -3.45
N PRO A 313 5.27 32.26 -3.09
CA PRO A 313 6.09 31.14 -3.60
C PRO A 313 5.95 30.97 -5.10
N ILE A 314 7.05 30.60 -5.78
CA ILE A 314 7.04 30.43 -7.24
C ILE A 314 7.44 29.02 -7.60
N ALA A 315 8.68 28.58 -7.23
CA ALA A 315 9.15 27.25 -7.61
C ALA A 315 10.20 26.73 -6.67
N TRP A 316 10.46 25.42 -6.75
CA TRP A 316 11.46 24.74 -5.93
C TRP A 316 12.18 23.72 -6.79
N ALA A 317 13.40 23.33 -6.37
CA ALA A 317 14.26 22.38 -7.06
C ALA A 317 15.28 21.85 -6.07
N ASN A 318 15.56 20.55 -6.14
CA ASN A 318 16.56 19.93 -5.27
C ASN A 318 17.52 19.12 -6.12
N LEU A 319 18.73 18.89 -5.60
CA LEU A 319 19.71 18.01 -6.22
C LEU A 319 20.64 17.42 -5.17
N MET A 320 21.09 16.20 -5.42
CA MET A 320 22.06 15.50 -4.59
C MET A 320 23.40 16.11 -4.94
N LEU A 321 24.26 16.34 -3.95
CA LEU A 321 25.57 16.92 -4.15
C LEU A 321 26.57 15.91 -4.71
N PHE A 322 26.34 14.62 -4.43
CA PHE A 322 27.14 13.52 -4.98
C PHE A 322 26.27 12.81 -6.01
N ASP A 323 26.87 12.35 -7.11
CA ASP A 323 26.09 11.63 -8.12
C ASP A 323 25.90 10.18 -7.72
N TYR A 324 25.29 9.36 -8.60
CA TYR A 324 24.99 7.96 -8.33
C TYR A 324 26.26 7.10 -8.23
N LYS A 325 27.40 7.61 -8.75
CA LYS A 325 28.71 6.94 -8.71
C LYS A 325 29.61 7.49 -7.59
N ASP A 326 28.98 8.17 -6.59
CA ASP A 326 29.65 8.75 -5.39
C ASP A 326 30.59 9.93 -5.68
N GLN A 327 30.58 10.48 -6.90
CA GLN A 327 31.42 11.62 -7.26
C GLN A 327 30.76 12.93 -6.87
N LEU A 328 31.55 13.83 -6.24
CA LEU A 328 31.12 15.17 -5.87
C LEU A 328 30.89 15.95 -7.17
N LYS A 329 29.66 16.45 -7.34
CA LYS A 329 29.28 17.18 -8.55
C LYS A 329 30.03 18.50 -8.67
N THR A 330 30.53 18.78 -9.89
CA THR A 330 31.23 20.03 -10.26
C THR A 330 30.65 20.55 -11.60
N GLY A 331 30.83 21.83 -11.86
CA GLY A 331 30.34 22.46 -13.09
C GLY A 331 28.93 22.98 -13.04
N GLU A 332 28.43 23.46 -14.19
CA GLU A 332 27.10 24.05 -14.34
C GLU A 332 25.99 23.04 -14.28
N ARG A 333 24.87 23.44 -13.66
CA ARG A 333 23.65 22.65 -13.58
C ARG A 333 22.46 23.53 -13.91
N CYS A 334 21.60 23.06 -14.83
CA CYS A 334 20.39 23.79 -15.14
C CYS A 334 19.29 23.01 -14.46
N LEU A 335 18.69 23.63 -13.45
CA LEU A 335 17.66 22.97 -12.64
C LEU A 335 16.26 23.40 -13.09
N TYR A 336 15.54 22.47 -13.72
CA TYR A 336 14.18 22.70 -14.18
C TYR A 336 13.27 22.53 -12.97
N MET A 337 12.72 23.66 -12.51
CA MET A 337 12.00 23.76 -11.24
C MET A 337 10.57 23.29 -11.27
N TRP A 338 10.11 22.87 -10.10
CA TRP A 338 8.76 22.38 -9.88
C TRP A 338 7.91 23.51 -9.32
N PRO A 339 6.68 23.70 -9.84
CA PRO A 339 5.85 24.80 -9.35
C PRO A 339 5.45 24.62 -7.88
N SER A 340 5.45 25.72 -7.11
CA SER A 340 5.11 25.67 -5.68
C SER A 340 3.60 25.82 -5.51
N VAL A 341 2.95 24.77 -4.96
CA VAL A 341 1.50 24.72 -4.70
C VAL A 341 1.25 25.13 -3.24
N LEU A 348 9.29 27.39 2.71
CA LEU A 348 9.31 27.38 1.24
C LEU A 348 10.15 26.24 0.69
N LEU A 349 11.33 25.96 1.33
CA LEU A 349 12.22 24.87 0.91
C LEU A 349 11.50 23.55 1.09
N ASN A 350 11.68 22.63 0.14
CA ASN A 350 10.98 21.34 0.13
C ASN A 350 11.97 20.16 0.09
N PRO A 351 12.70 19.87 1.20
CA PRO A 351 13.73 18.81 1.13
C PRO A 351 13.24 17.43 0.76
N ALA A 352 11.97 17.09 1.06
CA ALA A 352 11.46 15.76 0.73
C ALA A 352 11.08 15.65 -0.75
N GLY A 353 11.10 16.78 -1.46
CA GLY A 353 10.81 16.81 -2.89
C GLY A 353 11.84 16.05 -3.69
N THR A 354 11.43 15.57 -4.89
CA THR A 354 12.31 14.83 -5.80
C THR A 354 13.60 15.62 -6.13
N VAL A 355 14.70 14.88 -6.32
CA VAL A 355 16.01 15.46 -6.70
C VAL A 355 16.25 15.39 -8.22
N ARG A 356 15.19 15.12 -8.99
CA ARG A 356 15.24 15.14 -10.45
C ARG A 356 14.43 16.33 -10.91
N GLY A 357 14.91 16.95 -11.99
CA GLY A 357 14.31 18.13 -12.59
C GLY A 357 12.96 17.90 -13.21
N ASN A 358 12.19 18.98 -13.33
CA ASN A 358 10.87 18.97 -13.92
C ASN A 358 11.02 18.61 -15.44
N PRO A 359 10.35 17.53 -15.94
CA PRO A 359 10.51 17.17 -17.37
C PRO A 359 9.86 18.16 -18.36
N ASN A 360 8.96 19.05 -17.88
CA ASN A 360 8.35 20.05 -18.76
C ASN A 360 9.28 21.27 -18.90
N THR A 361 10.39 21.08 -19.63
CA THR A 361 11.41 22.09 -19.89
C THR A 361 10.90 23.27 -20.74
N GLU A 362 9.80 23.10 -21.48
CA GLU A 362 9.20 24.15 -22.31
C GLU A 362 8.52 25.23 -21.47
N SER A 363 7.93 24.86 -20.33
CA SER A 363 7.20 25.83 -19.49
C SER A 363 7.80 26.09 -18.09
N ALA A 364 8.55 25.12 -17.51
CA ALA A 364 9.12 25.25 -16.17
C ALA A 364 10.13 26.39 -16.04
N ALA A 365 10.13 27.04 -14.86
CA ALA A 365 11.13 28.04 -14.52
C ALA A 365 12.45 27.26 -14.35
N ALA A 366 13.56 27.82 -14.82
CA ALA A 366 14.85 27.15 -14.70
C ALA A 366 15.81 28.01 -13.88
N LEU A 367 16.63 27.37 -13.04
CA LEU A 367 17.66 28.02 -12.23
C LEU A 367 18.98 27.43 -12.65
N VAL A 368 19.91 28.29 -13.05
CA VAL A 368 21.24 27.91 -13.51
C VAL A 368 22.23 28.19 -12.38
N ILE A 369 22.94 27.14 -11.96
CA ILE A 369 23.90 27.22 -10.84
C ILE A 369 25.28 26.70 -11.26
N TYR A 370 26.33 27.02 -10.49
CA TYR A 370 27.67 26.50 -10.75
C TYR A 370 28.29 25.89 -9.51
N LEU A 371 28.60 24.60 -9.59
CA LEU A 371 29.23 23.84 -8.51
C LEU A 371 30.76 23.96 -8.73
N PRO A 372 31.49 24.70 -7.86
CA PRO A 372 32.93 24.91 -8.13
C PRO A 372 33.80 23.66 -8.10
N GLU A 373 34.86 23.66 -8.95
CA GLU A 373 35.84 22.57 -9.05
C GLU A 373 36.73 22.72 -7.81
N VAL A 374 36.47 21.88 -6.79
CA VAL A 374 37.13 21.88 -5.47
C VAL A 374 38.52 21.20 -5.47
N ALA A 375 38.94 20.59 -6.60
CA ALA A 375 40.19 19.85 -6.73
C ALA A 375 40.57 19.65 -8.21
N PRO A 376 41.89 19.54 -8.56
CA PRO A 376 42.26 19.35 -9.97
C PRO A 376 41.99 17.92 -10.48
N HIS A 377 41.45 17.06 -9.60
CA HIS A 377 41.13 15.66 -9.90
C HIS A 377 39.71 15.36 -9.40
N PRO A 378 38.96 14.39 -9.99
CA PRO A 378 37.62 14.08 -9.47
C PRO A 378 37.69 13.60 -8.00
N VAL A 379 36.64 13.91 -7.21
CA VAL A 379 36.54 13.58 -5.78
C VAL A 379 35.32 12.72 -5.52
N TYR A 380 35.52 11.59 -4.85
CA TYR A 380 34.50 10.62 -4.52
C TYR A 380 34.29 10.55 -3.03
N PHE A 381 33.08 10.16 -2.60
CA PHE A 381 32.82 9.97 -1.19
C PHE A 381 33.71 8.79 -0.73
N PRO A 382 34.37 8.86 0.44
CA PRO A 382 35.23 7.74 0.86
C PRO A 382 34.55 6.37 0.87
N ALA A 383 35.31 5.33 0.47
CA ALA A 383 34.82 3.94 0.44
C ALA A 383 34.52 3.48 1.88
N LEU A 384 33.64 2.47 2.05
CA LEU A 384 33.26 1.93 3.36
C LEU A 384 34.47 1.59 4.25
N GLU A 385 35.50 0.94 3.68
CA GLU A 385 36.76 0.59 4.37
C GLU A 385 37.45 1.80 5.04
N LYS A 386 37.46 2.96 4.35
CA LYS A 386 38.04 4.20 4.88
C LYS A 386 37.19 4.75 6.03
N ILE A 387 35.83 4.75 5.87
CA ILE A 387 34.87 5.22 6.88
C ILE A 387 35.03 4.42 8.19
N LEU A 388 35.04 3.07 8.08
CA LEU A 388 35.17 2.16 9.20
C LEU A 388 36.51 2.33 9.91
N GLU A 389 37.59 2.57 9.14
CA GLU A 389 38.92 2.80 9.69
C GLU A 389 38.89 4.04 10.59
N LEU A 390 38.26 5.14 10.12
CA LEU A 390 38.15 6.39 10.89
C LEU A 390 37.21 6.25 12.11
N GLY A 391 36.08 5.57 11.91
CA GLY A 391 35.06 5.36 12.92
C GLY A 391 35.41 4.38 14.02
N ARG A 392 36.35 3.44 13.73
CA ARG A 392 36.91 2.41 14.64
C ARG A 392 37.44 3.04 15.93
N HIS A 393 38.00 4.26 15.81
CA HIS A 393 38.61 4.99 16.91
C HIS A 393 37.62 5.85 17.66
N GLY A 394 37.55 5.62 18.97
CA GLY A 394 36.64 6.32 19.88
C GLY A 394 36.81 5.86 21.31
N GLU A 395 36.30 6.65 22.25
CA GLU A 395 36.35 6.33 23.68
C GLU A 395 35.01 5.74 24.11
N ARG A 396 35.07 4.62 24.84
CA ARG A 396 33.89 3.93 25.39
C ARG A 396 33.34 4.74 26.55
N GLY A 397 32.03 4.91 26.58
CA GLY A 397 31.36 5.65 27.63
C GLY A 397 31.38 4.95 28.97
N ARG A 398 31.83 5.67 30.02
CA ARG A 398 31.87 5.19 31.40
C ARG A 398 30.97 6.11 32.22
N ILE A 399 29.91 5.55 32.81
CA ILE A 399 28.91 6.31 33.58
C ILE A 399 28.58 5.68 34.92
N THR A 400 27.97 6.47 35.82
CA THR A 400 27.52 6.03 37.13
C THR A 400 26.27 5.16 36.99
N GLU A 401 25.90 4.42 38.06
CA GLU A 401 24.71 3.56 38.11
C GLU A 401 23.44 4.39 37.85
N GLU A 402 23.44 5.67 38.26
CA GLU A 402 22.36 6.64 38.08
C GLU A 402 22.23 7.06 36.61
N GLU A 403 23.38 7.32 35.93
CA GLU A 403 23.44 7.72 34.52
C GLU A 403 23.01 6.55 33.62
N GLN A 404 23.29 5.30 34.05
CA GLN A 404 22.89 4.08 33.34
C GLN A 404 21.38 3.93 33.45
N LEU A 405 20.81 4.33 34.62
CA LEU A 405 19.38 4.33 34.87
C LEU A 405 18.70 5.47 34.09
N GLN A 406 19.42 6.60 33.91
CA GLN A 406 18.97 7.77 33.16
C GLN A 406 18.85 7.45 31.66
N LEU A 407 19.85 6.71 31.12
CA LEU A 407 19.90 6.29 29.72
C LEU A 407 18.81 5.27 29.44
N ARG A 408 18.69 4.23 30.33
CA ARG A 408 17.66 3.19 30.20
C ARG A 408 16.27 3.82 30.11
N GLU A 409 16.02 4.87 30.90
CA GLU A 409 14.78 5.64 30.94
C GLU A 409 14.44 6.28 29.57
N ILE A 410 15.40 7.00 28.97
CA ILE A 410 15.18 7.69 27.70
C ILE A 410 15.17 6.72 26.48
N LEU A 411 16.00 5.66 26.49
CA LEU A 411 16.03 4.69 25.37
C LEU A 411 14.78 3.81 25.28
N GLU A 412 14.14 3.54 26.44
CA GLU A 412 12.92 2.72 26.53
C GLU A 412 11.65 3.55 26.39
N ARG A 413 11.78 4.90 26.46
CA ARG A 413 10.68 5.87 26.35
C ARG A 413 10.02 5.84 24.97
N GLY A 417 9.38 10.83 20.07
CA GLY A 417 10.14 10.79 21.32
C GLY A 417 11.25 11.83 21.39
N GLU A 418 10.86 13.12 21.33
CA GLU A 418 11.74 14.29 21.38
C GLU A 418 12.57 14.36 22.68
N LEU A 419 13.87 14.73 22.56
CA LEU A 419 14.80 14.82 23.69
C LEU A 419 15.35 16.24 23.87
N TYR A 420 15.84 16.55 25.09
CA TYR A 420 16.53 17.81 25.37
C TYR A 420 18.00 17.60 25.00
N GLU A 421 18.77 18.69 24.86
CA GLU A 421 20.17 18.64 24.45
C GLU A 421 21.04 17.72 25.31
N HIS A 422 20.94 17.82 26.67
CA HIS A 422 21.73 16.98 27.57
C HIS A 422 21.36 15.48 27.43
N GLU A 423 20.08 15.18 27.13
CA GLU A 423 19.59 13.80 26.91
C GLU A 423 20.22 13.25 25.61
N LYS A 424 20.30 14.09 24.55
CA LYS A 424 20.93 13.74 23.26
C LYS A 424 22.42 13.45 23.44
N ASP A 425 23.13 14.27 24.23
CA ASP A 425 24.55 14.10 24.51
C ASP A 425 24.86 12.80 25.25
N LEU A 426 24.00 12.42 26.22
CA LEU A 426 24.20 11.18 26.98
C LEU A 426 24.00 9.97 26.05
N VAL A 427 22.99 10.02 25.16
CA VAL A 427 22.74 8.95 24.20
C VAL A 427 24.00 8.78 23.32
N TRP A 428 24.49 9.88 22.69
CA TRP A 428 25.68 9.84 21.84
C TRP A 428 26.92 9.32 22.59
N LYS A 429 27.16 9.82 23.82
CA LYS A 429 28.27 9.39 24.67
C LYS A 429 28.17 7.87 24.93
N MET A 430 26.95 7.39 25.21
CA MET A 430 26.71 5.97 25.52
C MET A 430 26.30 5.12 24.30
N ARG A 431 26.68 5.55 23.08
CA ARG A 431 26.36 4.85 21.82
C ARG A 431 26.78 3.36 21.79
N HIS A 432 27.98 3.02 22.37
CA HIS A 432 28.44 1.61 22.41
C HIS A 432 27.49 0.74 23.22
N GLU A 433 26.98 1.29 24.34
CA GLU A 433 26.04 0.59 25.21
C GLU A 433 24.68 0.42 24.53
N VAL A 434 24.29 1.41 23.70
CA VAL A 434 23.07 1.34 22.88
C VAL A 434 23.21 0.10 21.98
N GLN A 435 24.33 -0.04 21.23
CA GLN A 435 24.56 -1.19 20.34
C GLN A 435 24.52 -2.54 21.06
N GLU A 436 25.26 -2.64 22.18
CA GLU A 436 25.39 -3.86 22.95
C GLU A 436 24.16 -4.26 23.76
N HIS A 437 23.45 -3.32 24.42
CA HIS A 437 22.32 -3.70 25.29
C HIS A 437 20.95 -3.10 24.93
N PHE A 438 20.89 -2.12 24.00
CA PHE A 438 19.61 -1.54 23.54
C PHE A 438 19.57 -1.45 21.99
N PRO A 439 19.87 -2.56 21.24
CA PRO A 439 19.90 -2.46 19.77
C PRO A 439 18.62 -1.96 19.09
N GLU A 440 17.45 -2.13 19.72
CA GLU A 440 16.21 -1.63 19.11
C GLU A 440 16.05 -0.10 19.22
N ALA A 441 16.97 0.59 19.92
CA ALA A 441 16.98 2.06 20.06
C ALA A 441 17.92 2.72 19.03
N LEU A 442 18.27 1.98 17.95
CA LEU A 442 19.11 2.47 16.86
C LEU A 442 18.55 3.75 16.27
N ALA A 443 17.24 3.81 16.02
CA ALA A 443 16.60 5.00 15.44
C ALA A 443 16.84 6.25 16.31
N ARG A 444 16.81 6.11 17.67
CA ARG A 444 17.09 7.22 18.60
C ARG A 444 18.53 7.70 18.46
N LEU A 445 19.48 6.74 18.39
CA LEU A 445 20.90 7.05 18.23
C LEU A 445 21.13 7.73 16.89
N LEU A 446 20.49 7.21 15.83
CA LEU A 446 20.62 7.82 14.50
C LEU A 446 20.18 9.27 14.51
N LEU A 447 19.07 9.59 15.22
CA LEU A 447 18.54 10.97 15.31
C LEU A 447 19.41 11.91 16.15
N VAL A 448 20.25 11.37 17.05
CA VAL A 448 21.13 12.23 17.85
C VAL A 448 22.50 12.41 17.16
N THR A 449 22.81 11.58 16.13
CA THR A 449 24.08 11.67 15.40
C THR A 449 24.16 13.02 14.68
N LYS A 450 25.34 13.64 14.74
CA LYS A 450 25.58 14.92 14.07
C LYS A 450 26.00 14.61 12.62
N TRP A 451 25.00 14.56 11.71
CA TRP A 451 25.21 14.24 10.30
C TRP A 451 26.03 15.27 9.54
N ASN A 452 26.29 16.45 10.16
CA ASN A 452 27.12 17.53 9.61
C ASN A 452 28.59 17.46 10.09
N LYS A 453 28.98 16.38 10.78
CA LYS A 453 30.38 16.21 11.23
C LYS A 453 30.82 14.83 10.73
N HIS A 454 31.78 14.78 9.76
CA HIS A 454 32.18 13.51 9.13
C HIS A 454 32.77 12.47 10.11
N GLU A 455 33.43 12.92 11.20
CA GLU A 455 33.99 12.03 12.22
C GLU A 455 32.86 11.36 13.01
N ASP A 456 31.81 12.14 13.39
CA ASP A 456 30.64 11.57 14.09
C ASP A 456 29.90 10.56 13.22
N VAL A 457 29.79 10.86 11.90
CA VAL A 457 29.12 9.97 10.95
C VAL A 457 29.90 8.65 10.80
N ALA A 458 31.25 8.76 10.68
CA ALA A 458 32.17 7.61 10.61
C ALA A 458 31.99 6.73 11.86
N GLN A 459 31.86 7.36 13.06
CA GLN A 459 31.68 6.63 14.33
C GLN A 459 30.33 5.94 14.39
N MET A 460 29.28 6.58 13.87
CA MET A 460 27.96 5.98 13.80
C MET A 460 27.97 4.79 12.82
N LEU A 461 28.60 4.97 11.64
CA LEU A 461 28.63 3.90 10.62
C LEU A 461 29.43 2.68 11.09
N TYR A 462 30.50 2.91 11.89
CA TYR A 462 31.28 1.81 12.47
C TYR A 462 30.39 0.90 13.31
N LEU A 463 29.51 1.48 14.15
CA LEU A 463 28.54 0.73 14.96
C LEU A 463 27.43 0.12 14.13
N LEU A 464 26.95 0.85 13.12
CA LEU A 464 25.87 0.36 12.25
C LEU A 464 26.30 -0.92 11.51
N CYS A 465 27.58 -0.99 11.13
CA CYS A 465 28.10 -2.12 10.38
C CYS A 465 28.24 -3.42 11.21
N SER A 466 28.19 -3.34 12.55
CA SER A 466 28.15 -4.55 13.39
C SER A 466 26.84 -4.62 14.23
N TRP A 467 25.85 -3.78 13.85
CA TRP A 467 24.57 -3.71 14.55
C TRP A 467 23.76 -4.98 14.29
N PRO A 468 23.19 -5.63 15.33
CA PRO A 468 22.36 -6.82 15.04
C PRO A 468 21.13 -6.47 14.21
N GLU A 469 20.66 -7.43 13.39
CA GLU A 469 19.41 -7.27 12.63
C GLU A 469 18.29 -6.99 13.64
N LEU A 470 17.35 -6.13 13.25
CA LEU A 470 16.27 -5.69 14.13
C LEU A 470 14.95 -6.29 13.69
N PRO A 471 13.89 -6.27 14.53
CA PRO A 471 12.60 -6.79 14.08
C PRO A 471 12.03 -5.93 12.94
N VAL A 472 11.13 -6.53 12.17
CA VAL A 472 10.44 -5.88 11.04
C VAL A 472 9.89 -4.49 11.44
N LEU A 473 9.21 -4.42 12.61
CA LEU A 473 8.62 -3.18 13.10
C LEU A 473 9.67 -2.05 13.19
N SER A 474 10.88 -2.37 13.71
CA SER A 474 11.95 -1.40 13.84
C SER A 474 12.44 -0.98 12.46
N ALA A 475 12.58 -1.94 11.51
CA ALA A 475 13.07 -1.65 10.16
C ALA A 475 12.10 -0.73 9.37
N LEU A 476 10.79 -0.89 9.58
CA LEU A 476 9.76 -0.04 8.96
C LEU A 476 9.97 1.41 9.35
N GLU A 477 10.31 1.65 10.63
CA GLU A 477 10.55 3.01 11.11
C GLU A 477 11.77 3.59 10.37
N LEU A 478 12.81 2.77 10.16
CA LEU A 478 14.06 3.17 9.53
C LEU A 478 13.94 3.49 8.05
N LEU A 479 12.80 3.16 7.42
CA LEU A 479 12.62 3.51 6.00
C LEU A 479 12.13 4.94 5.83
N ASP A 480 11.76 5.58 6.93
CA ASP A 480 11.25 6.94 6.93
C ASP A 480 12.31 7.89 6.37
N PHE A 481 11.86 9.00 5.77
CA PHE A 481 12.75 10.01 5.20
C PHE A 481 13.62 10.66 6.31
N SER A 482 13.21 10.47 7.59
CA SER A 482 13.96 10.93 8.78
C SER A 482 15.30 10.18 8.89
N PHE A 483 15.49 9.09 8.11
CA PHE A 483 16.73 8.28 8.12
C PHE A 483 17.28 8.25 6.70
N PRO A 484 17.81 9.39 6.18
CA PRO A 484 18.22 9.42 4.76
C PRO A 484 19.54 8.74 4.38
N ASP A 485 20.41 8.38 5.34
CA ASP A 485 21.68 7.77 4.99
C ASP A 485 21.51 6.47 4.20
N CYS A 486 22.35 6.26 3.16
CA CYS A 486 22.25 5.06 2.32
C CYS A 486 22.62 3.76 3.05
N TYR A 487 23.56 3.82 4.00
CA TYR A 487 23.93 2.61 4.76
C TYR A 487 22.83 2.26 5.72
N VAL A 488 22.15 3.28 6.26
CA VAL A 488 20.96 3.05 7.11
C VAL A 488 19.86 2.41 6.26
N GLY A 489 19.63 2.96 5.05
CA GLY A 489 18.63 2.44 4.11
C GLY A 489 18.89 0.98 3.78
N SER A 490 20.16 0.65 3.50
CA SER A 490 20.64 -0.71 3.24
C SER A 490 20.48 -1.62 4.50
N PHE A 491 20.72 -1.07 5.70
CA PHE A 491 20.56 -1.83 6.96
C PHE A 491 19.05 -2.18 7.13
N ALA A 492 18.17 -1.20 6.89
CA ALA A 492 16.71 -1.37 7.01
C ALA A 492 16.20 -2.47 6.11
N ILE A 493 16.69 -2.52 4.84
CA ILE A 493 16.28 -3.52 3.87
C ILE A 493 16.75 -4.90 4.33
N LYS A 494 17.99 -4.98 4.83
CA LYS A 494 18.56 -6.22 5.36
C LYS A 494 17.69 -6.78 6.50
N SER A 495 17.15 -5.92 7.37
CA SER A 495 16.26 -6.41 8.44
C SER A 495 14.87 -6.76 7.91
N LEU A 496 14.49 -6.22 6.73
CA LEU A 496 13.19 -6.51 6.11
C LEU A 496 13.19 -7.76 5.24
N ARG A 497 14.35 -8.35 4.95
CA ARG A 497 14.45 -9.58 4.15
C ARG A 497 13.66 -10.73 4.76
N LYS A 498 13.51 -10.73 6.09
CA LYS A 498 12.76 -11.76 6.80
C LYS A 498 11.23 -11.57 6.71
N LEU A 499 10.75 -10.47 6.09
CA LEU A 499 9.29 -10.29 5.90
C LEU A 499 8.74 -11.55 5.19
N THR A 500 7.62 -12.10 5.66
CA THR A 500 6.98 -13.21 4.96
C THR A 500 6.33 -12.56 3.72
N ASP A 501 5.93 -13.35 2.73
CA ASP A 501 5.20 -12.80 1.58
C ASP A 501 3.87 -12.16 2.04
N ASP A 502 3.27 -12.69 3.12
CA ASP A 502 2.01 -12.13 3.62
C ASP A 502 2.23 -10.76 4.23
N GLU A 503 3.34 -10.59 4.98
CA GLU A 503 3.65 -9.28 5.60
C GLU A 503 4.03 -8.32 4.55
N LEU A 504 4.82 -8.78 3.59
CA LEU A 504 5.26 -7.89 2.49
C LEU A 504 4.04 -7.37 1.72
N PHE A 505 3.12 -8.26 1.43
CA PHE A 505 1.91 -7.87 0.75
C PHE A 505 1.14 -6.86 1.58
N GLN A 506 1.09 -7.08 2.91
CA GLN A 506 0.40 -6.16 3.83
C GLN A 506 1.01 -4.73 3.76
N TYR A 507 2.32 -4.62 3.62
CA TYR A 507 3.00 -3.31 3.63
C TYR A 507 3.49 -2.82 2.29
N LEU A 508 3.08 -3.50 1.23
CA LEU A 508 3.55 -3.18 -0.13
C LEU A 508 3.24 -1.75 -0.53
N LEU A 509 2.02 -1.30 -0.22
CA LEU A 509 1.63 0.08 -0.56
C LEU A 509 2.62 1.10 0.02
N GLN A 510 3.01 0.94 1.29
CA GLN A 510 3.93 1.88 1.95
C GLN A 510 5.33 1.76 1.36
N LEU A 511 5.82 0.54 1.11
CA LEU A 511 7.15 0.35 0.50
C LEU A 511 7.26 1.02 -0.87
N VAL A 512 6.18 0.96 -1.67
CA VAL A 512 6.15 1.64 -2.98
C VAL A 512 6.23 3.14 -2.78
N GLN A 513 5.49 3.68 -1.78
CA GLN A 513 5.55 5.15 -1.53
C GLN A 513 6.97 5.60 -1.16
N VAL A 514 7.72 4.77 -0.41
CA VAL A 514 9.11 5.06 0.02
C VAL A 514 10.03 5.31 -1.19
N LEU A 515 9.71 4.66 -2.34
CA LEU A 515 10.49 4.83 -3.58
C LEU A 515 10.56 6.31 -3.97
N LYS A 516 9.51 7.06 -3.64
CA LYS A 516 9.42 8.50 -3.91
C LYS A 516 10.40 9.35 -3.11
N TYR A 517 10.99 8.78 -2.04
CA TYR A 517 12.00 9.50 -1.23
C TYR A 517 13.40 9.14 -1.70
N GLU A 518 13.55 8.06 -2.49
CA GLU A 518 14.88 7.60 -2.91
C GLU A 518 15.60 8.66 -3.71
N SER A 519 16.91 8.78 -3.48
CA SER A 519 17.73 9.79 -4.13
C SER A 519 18.25 9.36 -5.50
N TYR A 520 18.43 8.03 -5.70
CA TYR A 520 18.97 7.50 -6.94
C TYR A 520 18.07 6.41 -7.50
N LEU A 521 18.20 6.12 -8.80
CA LEU A 521 17.36 5.07 -9.42
C LEU A 521 17.71 3.66 -8.95
N ASP A 522 18.98 3.27 -9.03
CA ASP A 522 19.42 1.94 -8.60
C ASP A 522 19.61 2.00 -7.09
N CYS A 523 18.74 1.32 -6.35
CA CYS A 523 18.77 1.33 -4.89
C CYS A 523 18.36 -0.02 -4.33
N GLU A 524 18.74 -0.31 -3.07
CA GLU A 524 18.41 -1.59 -2.46
C GLU A 524 16.92 -1.84 -2.35
N LEU A 525 16.11 -0.79 -2.12
CA LEU A 525 14.65 -0.99 -2.01
C LEU A 525 14.05 -1.46 -3.35
N THR A 526 14.47 -0.86 -4.47
CA THR A 526 13.99 -1.26 -5.79
C THR A 526 14.38 -2.70 -6.09
N LYS A 527 15.65 -3.09 -5.87
CA LYS A 527 16.12 -4.46 -6.10
C LYS A 527 15.34 -5.46 -5.23
N PHE A 528 15.11 -5.10 -3.97
CA PHE A 528 14.32 -5.91 -3.03
C PHE A 528 12.89 -6.17 -3.54
N LEU A 529 12.18 -5.10 -3.88
CA LEU A 529 10.81 -5.20 -4.40
C LEU A 529 10.76 -6.01 -5.68
N LEU A 530 11.71 -5.78 -6.63
CA LEU A 530 11.73 -6.52 -7.88
C LEU A 530 11.97 -8.01 -7.65
N GLY A 531 12.93 -8.34 -6.75
CA GLY A 531 13.25 -9.71 -6.38
C GLY A 531 12.06 -10.40 -5.75
N ARG A 532 11.37 -9.72 -4.83
CA ARG A 532 10.18 -10.33 -4.20
C ARG A 532 9.01 -10.49 -5.18
N ALA A 533 8.83 -9.51 -6.08
CA ALA A 533 7.78 -9.50 -7.12
C ALA A 533 7.98 -10.64 -8.14
N LEU A 534 9.23 -10.92 -8.48
CA LEU A 534 9.55 -11.96 -9.46
C LEU A 534 9.49 -13.36 -8.84
N ALA A 535 9.49 -13.44 -7.53
CA ALA A 535 9.38 -14.73 -6.80
C ALA A 535 7.94 -15.03 -6.32
N ASN A 536 7.02 -14.05 -6.46
CA ASN A 536 5.64 -14.22 -6.01
C ASN A 536 4.76 -13.42 -6.96
N ARG A 537 3.95 -14.11 -7.77
N ARG A 537 3.96 -14.11 -7.78
CA ARG A 537 3.12 -13.51 -8.81
CA ARG A 537 3.12 -13.53 -8.82
C ARG A 537 2.08 -12.52 -8.28
C ARG A 537 2.08 -12.53 -8.28
N LYS A 538 1.55 -12.75 -7.07
CA LYS A 538 0.56 -11.85 -6.46
C LYS A 538 1.26 -10.55 -6.06
N ILE A 539 2.48 -10.65 -5.49
CA ILE A 539 3.29 -9.45 -5.19
C ILE A 539 3.60 -8.69 -6.49
N GLY A 540 4.03 -9.43 -7.52
CA GLY A 540 4.35 -8.83 -8.82
C GLY A 540 3.16 -8.09 -9.40
N HIS A 541 1.96 -8.69 -9.29
CA HIS A 541 0.70 -8.07 -9.78
C HIS A 541 0.48 -6.72 -9.11
N PHE A 542 0.52 -6.69 -7.78
CA PHE A 542 0.24 -5.44 -7.08
C PHE A 542 1.38 -4.43 -7.17
N LEU A 543 2.62 -4.89 -7.29
CA LEU A 543 3.72 -3.95 -7.48
C LEU A 543 3.48 -3.24 -8.82
N PHE A 544 3.16 -4.03 -9.86
CA PHE A 544 2.90 -3.42 -11.17
C PHE A 544 1.79 -2.34 -11.06
N TRP A 545 0.62 -2.69 -10.47
CA TRP A 545 -0.49 -1.73 -10.45
C TRP A 545 -0.23 -0.49 -9.61
N HIS A 546 0.47 -0.62 -8.46
CA HIS A 546 0.81 0.57 -7.64
C HIS A 546 1.71 1.54 -8.43
N LEU A 547 2.63 1.01 -9.24
CA LEU A 547 3.51 1.84 -10.08
C LEU A 547 2.73 2.40 -11.27
N ARG A 548 1.97 1.52 -11.95
CA ARG A 548 1.27 1.92 -13.20
C ARG A 548 0.26 3.01 -12.95
N SER A 549 -0.41 2.93 -11.80
CA SER A 549 -1.45 3.90 -11.44
C SER A 549 -0.89 5.32 -11.17
N GLU A 550 0.45 5.48 -11.11
CA GLU A 550 1.07 6.81 -10.91
C GLU A 550 1.91 7.29 -12.08
N MET A 551 1.79 6.63 -13.26
CA MET A 551 2.51 7.06 -14.45
C MET A 551 2.14 8.43 -14.95
N HIS A 552 0.96 8.94 -14.56
CA HIS A 552 0.51 10.26 -15.01
C HIS A 552 1.12 11.37 -14.15
N VAL A 553 1.91 11.01 -13.13
CA VAL A 553 2.56 11.92 -12.17
C VAL A 553 3.99 12.11 -12.69
N PRO A 554 4.29 13.29 -13.28
CA PRO A 554 5.64 13.50 -13.88
C PRO A 554 6.82 13.24 -12.97
N SER A 555 6.72 13.54 -11.68
CA SER A 555 7.85 13.35 -10.77
C SER A 555 8.22 11.88 -10.53
N VAL A 556 7.31 10.94 -10.83
CA VAL A 556 7.66 9.53 -10.61
C VAL A 556 7.61 8.69 -11.88
N ALA A 557 7.08 9.25 -13.00
CA ALA A 557 6.90 8.49 -14.25
C ALA A 557 8.19 7.81 -14.74
N LEU A 558 9.33 8.51 -14.64
CA LEU A 558 10.60 7.90 -15.05
C LEU A 558 10.98 6.69 -14.17
N ARG A 559 11.08 6.91 -12.84
CA ARG A 559 11.45 5.86 -11.91
C ARG A 559 10.47 4.68 -12.05
N PHE A 560 9.17 4.97 -12.00
CA PHE A 560 8.14 3.90 -12.03
C PHE A 560 8.11 3.16 -13.37
N GLY A 561 8.27 3.91 -14.47
CA GLY A 561 8.36 3.31 -15.80
C GLY A 561 9.52 2.33 -15.90
N LEU A 562 10.69 2.72 -15.39
CA LEU A 562 11.92 1.90 -15.40
C LEU A 562 11.76 0.61 -14.59
N ILE A 563 11.14 0.70 -13.42
CA ILE A 563 10.87 -0.47 -12.57
C ILE A 563 9.90 -1.39 -13.31
N MET A 564 8.85 -0.84 -13.93
CA MET A 564 7.88 -1.72 -14.62
C MET A 564 8.53 -2.40 -15.85
N GLU A 565 9.39 -1.69 -16.58
CA GLU A 565 10.09 -2.30 -17.71
C GLU A 565 10.95 -3.48 -17.22
N ALA A 566 11.74 -3.29 -16.12
CA ALA A 566 12.60 -4.34 -15.58
C ALA A 566 11.74 -5.54 -15.19
N TYR A 567 10.61 -5.32 -14.48
CA TYR A 567 9.74 -6.40 -14.09
C TYR A 567 9.27 -7.21 -15.32
N CYS A 568 8.85 -6.51 -16.41
CA CYS A 568 8.42 -7.13 -17.66
C CYS A 568 9.51 -7.98 -18.29
N ARG A 569 10.79 -7.57 -18.14
CA ARG A 569 11.94 -8.37 -18.63
C ARG A 569 12.01 -9.71 -17.89
N GLY A 570 11.63 -9.68 -16.62
CA GLY A 570 11.56 -10.84 -15.74
C GLY A 570 10.37 -11.74 -15.94
N SER A 571 9.27 -11.29 -16.62
CA SER A 571 8.09 -12.16 -16.91
C SER A 571 7.30 -11.65 -18.05
N THR A 572 7.69 -12.10 -19.24
CA THR A 572 7.04 -11.80 -20.51
C THR A 572 5.59 -12.27 -20.46
N HIS A 573 5.35 -13.44 -19.87
CA HIS A 573 3.97 -13.96 -19.77
C HIS A 573 3.09 -13.08 -18.88
N HIS A 574 3.58 -12.69 -17.69
CA HIS A 574 2.80 -11.80 -16.82
C HIS A 574 2.56 -10.44 -17.48
N MET A 575 3.51 -9.97 -18.31
CA MET A 575 3.30 -8.73 -19.06
C MET A 575 2.06 -8.84 -19.95
N LYS A 576 1.89 -9.99 -20.62
CA LYS A 576 0.76 -10.22 -21.52
C LYS A 576 -0.58 -10.31 -20.74
N VAL A 577 -0.54 -10.92 -19.56
CA VAL A 577 -1.70 -11.05 -18.65
C VAL A 577 -2.10 -9.64 -18.18
N LEU A 578 -1.11 -8.79 -17.85
CA LEU A 578 -1.39 -7.40 -17.45
C LEU A 578 -1.89 -6.56 -18.61
N MET A 579 -1.38 -6.79 -19.81
CA MET A 579 -1.87 -6.10 -21.02
C MET A 579 -3.36 -6.39 -21.25
N LYS A 580 -3.78 -7.64 -21.04
CA LYS A 580 -5.19 -8.00 -21.17
C LYS A 580 -6.03 -7.18 -20.15
N GLN A 581 -5.53 -6.99 -18.91
CA GLN A 581 -6.22 -6.15 -17.92
C GLN A 581 -6.30 -4.67 -18.36
N GLY A 582 -5.19 -4.17 -18.91
CA GLY A 582 -5.12 -2.80 -19.43
C GLY A 582 -6.10 -2.60 -20.60
N GLU A 583 -6.30 -3.65 -21.44
CA GLU A 583 -7.22 -3.53 -22.58
C GLU A 583 -8.65 -3.42 -22.06
N ALA A 584 -8.97 -4.17 -20.99
CA ALA A 584 -10.31 -4.09 -20.41
C ALA A 584 -10.55 -2.70 -19.79
N LEU A 585 -9.53 -2.15 -19.09
CA LEU A 585 -9.64 -0.82 -18.46
C LEU A 585 -9.79 0.30 -19.45
N SER A 586 -9.13 0.17 -20.62
CA SER A 586 -9.25 1.14 -21.72
C SER A 586 -10.69 1.15 -22.23
N LYS A 587 -11.30 -0.04 -22.41
CA LYS A 587 -12.71 -0.15 -22.86
C LYS A 587 -13.67 0.40 -21.78
N LEU A 588 -13.39 0.10 -20.51
CA LEU A 588 -14.24 0.64 -19.43
C LEU A 588 -14.21 2.20 -19.38
N LYS A 589 -13.08 2.78 -19.60
CA LYS A 589 -12.95 4.26 -19.64
C LYS A 589 -13.78 4.83 -20.81
N ALA A 590 -13.67 4.22 -21.99
CA ALA A 590 -14.46 4.68 -23.16
C ALA A 590 -15.98 4.51 -22.87
N LEU A 591 -16.37 3.37 -22.29
CA LEU A 591 -17.77 3.09 -21.94
C LEU A 591 -18.29 4.10 -20.89
N ASN A 592 -17.47 4.38 -19.85
CA ASN A 592 -17.85 5.31 -18.77
C ASN A 592 -18.03 6.73 -19.30
N ASP A 593 -17.15 7.17 -20.24
CA ASP A 593 -17.29 8.49 -20.88
C ASP A 593 -18.65 8.58 -21.60
N PHE A 594 -19.04 7.51 -22.30
CA PHE A 594 -20.35 7.47 -22.97
C PHE A 594 -21.47 7.63 -21.93
N VAL A 595 -21.37 6.87 -20.85
CA VAL A 595 -22.39 6.88 -19.78
C VAL A 595 -22.50 8.29 -19.15
N LYS A 596 -21.37 8.94 -18.89
CA LYS A 596 -21.33 10.31 -18.34
C LYS A 596 -22.10 11.28 -19.23
N VAL A 597 -21.85 11.25 -20.55
CA VAL A 597 -22.54 12.12 -21.52
C VAL A 597 -24.03 11.77 -21.62
N SER A 598 -24.35 10.47 -21.83
CA SER A 598 -25.74 10.04 -22.00
C SER A 598 -26.63 10.32 -20.78
N SER A 599 -26.08 10.16 -19.57
CA SER A 599 -26.83 10.36 -18.31
C SER A 599 -27.37 11.78 -18.17
N GLN A 600 -26.74 12.74 -18.82
CA GLN A 600 -27.16 14.14 -18.80
C GLN A 600 -28.18 14.48 -19.92
N LYS A 601 -28.47 13.52 -20.81
CA LYS A 601 -29.36 13.78 -21.96
C LYS A 601 -30.61 12.90 -22.02
N THR A 602 -30.64 11.76 -21.33
CA THR A 602 -31.78 10.85 -21.44
C THR A 602 -32.08 10.10 -20.14
N THR A 603 -33.10 9.20 -20.14
CA THR A 603 -33.50 8.46 -18.94
C THR A 603 -32.50 7.34 -18.65
N LYS A 604 -32.41 6.88 -17.39
CA LYS A 604 -31.50 5.81 -17.02
C LYS A 604 -31.77 4.52 -17.81
N PRO A 605 -33.04 4.06 -18.04
CA PRO A 605 -33.23 2.85 -18.86
C PRO A 605 -32.66 3.02 -20.27
N GLN A 606 -32.72 4.24 -20.82
CA GLN A 606 -32.15 4.52 -22.16
C GLN A 606 -30.62 4.47 -22.13
N THR A 607 -29.98 5.17 -21.16
CA THR A 607 -28.51 5.14 -21.04
C THR A 607 -28.03 3.68 -20.80
N LYS A 608 -28.76 2.93 -20.00
CA LYS A 608 -28.40 1.55 -19.68
C LYS A 608 -28.55 0.62 -20.91
N GLU A 609 -29.59 0.81 -21.73
CA GLU A 609 -29.73 0.00 -22.93
C GLU A 609 -28.63 0.35 -23.93
N MET A 610 -28.27 1.63 -24.06
CA MET A 610 -27.19 2.06 -24.95
C MET A 610 -25.84 1.52 -24.43
N MET A 611 -25.62 1.55 -23.11
CA MET A 611 -24.41 0.95 -22.49
C MET A 611 -24.34 -0.55 -22.92
N HIS A 612 -25.45 -1.28 -22.81
CA HIS A 612 -25.53 -2.69 -23.19
C HIS A 612 -25.21 -2.92 -24.67
N MET A 613 -25.73 -2.05 -25.56
CA MET A 613 -25.46 -2.14 -26.99
C MET A 613 -23.97 -1.92 -27.25
N CYS A 614 -23.36 -0.95 -26.56
N CYS A 614 -23.34 -0.94 -26.54
CA CYS A 614 -21.93 -0.71 -26.68
CA CYS A 614 -21.89 -0.70 -26.67
C CYS A 614 -21.14 -1.96 -26.22
C CYS A 614 -21.12 -1.95 -26.21
N MET A 615 -21.52 -2.54 -25.07
CA MET A 615 -20.83 -3.74 -24.52
C MET A 615 -20.94 -4.95 -25.41
N ARG A 616 -22.05 -5.04 -26.18
CA ARG A 616 -22.33 -6.19 -27.06
C ARG A 616 -21.52 -6.15 -28.35
N GLN A 617 -20.79 -5.07 -28.62
CA GLN A 617 -19.90 -4.98 -29.78
C GLN A 617 -18.78 -6.00 -29.57
N GLU A 618 -18.33 -6.66 -30.66
CA GLU A 618 -17.30 -7.71 -30.61
C GLU A 618 -16.04 -7.25 -29.90
N THR A 619 -15.52 -6.07 -30.23
CA THR A 619 -14.30 -5.51 -29.60
C THR A 619 -14.47 -5.37 -28.06
N TYR A 620 -15.68 -5.02 -27.59
CA TYR A 620 -15.96 -4.88 -26.13
C TYR A 620 -16.14 -6.25 -25.49
N MET A 621 -16.92 -7.16 -26.11
CA MET A 621 -17.11 -8.50 -25.56
C MET A 621 -15.74 -9.19 -25.43
N GLU A 622 -14.85 -9.02 -26.41
CA GLU A 622 -13.52 -9.63 -26.35
C GLU A 622 -12.63 -9.03 -25.27
N ALA A 623 -12.54 -7.70 -25.25
CA ALA A 623 -11.69 -7.00 -24.27
C ALA A 623 -12.14 -7.16 -22.84
N LEU A 624 -13.47 -7.15 -22.59
CA LEU A 624 -13.96 -7.24 -21.21
C LEU A 624 -14.04 -8.63 -20.66
N SER A 625 -13.81 -9.66 -21.47
CA SER A 625 -13.96 -11.05 -21.00
C SER A 625 -12.65 -11.76 -20.81
N HIS A 626 -12.61 -12.77 -19.94
CA HIS A 626 -11.49 -13.69 -19.73
C HIS A 626 -10.23 -12.99 -19.30
N LEU A 627 -10.32 -12.33 -18.16
CA LEU A 627 -9.15 -11.66 -17.61
C LEU A 627 -8.99 -11.99 -16.14
N GLN A 628 -7.80 -11.76 -15.60
CA GLN A 628 -7.62 -11.85 -14.15
C GLN A 628 -8.05 -10.50 -13.61
N SER A 629 -8.75 -10.52 -12.50
CA SER A 629 -9.15 -9.24 -11.92
C SER A 629 -7.97 -8.43 -11.42
N PRO A 630 -7.87 -7.13 -11.80
CA PRO A 630 -6.82 -6.27 -11.21
C PRO A 630 -6.96 -6.19 -9.68
N LEU A 631 -8.21 -6.33 -9.13
CA LEU A 631 -8.38 -6.27 -7.68
C LEU A 631 -7.80 -7.51 -6.97
N ASP A 632 -7.77 -8.65 -7.64
CA ASP A 632 -7.32 -9.88 -6.99
C ASP A 632 -6.99 -10.80 -8.11
N PRO A 633 -5.70 -11.08 -8.38
CA PRO A 633 -5.38 -11.95 -9.52
C PRO A 633 -5.86 -13.40 -9.35
N SER A 634 -6.30 -13.78 -8.16
CA SER A 634 -6.89 -15.14 -7.96
C SER A 634 -8.33 -15.19 -8.54
N THR A 635 -8.97 -14.02 -8.64
CA THR A 635 -10.33 -13.94 -9.16
C THR A 635 -10.26 -13.84 -10.68
N LEU A 636 -10.96 -14.77 -11.36
CA LEU A 636 -11.04 -14.78 -12.81
C LEU A 636 -12.37 -14.17 -13.22
N LEU A 637 -12.31 -13.17 -14.11
CA LEU A 637 -13.48 -12.46 -14.65
C LEU A 637 -13.71 -13.10 -16.00
N GLU A 638 -14.64 -14.05 -16.03
CA GLU A 638 -14.81 -14.83 -17.23
C GLU A 638 -15.77 -14.20 -18.22
N GLU A 639 -17.05 -14.55 -18.15
CA GLU A 639 -18.03 -14.03 -19.10
C GLU A 639 -18.67 -12.78 -18.54
N VAL A 640 -18.57 -11.66 -19.25
CA VAL A 640 -19.22 -10.42 -18.82
C VAL A 640 -20.74 -10.61 -18.97
N CYS A 641 -21.52 -10.34 -17.90
CA CYS A 641 -22.98 -10.51 -17.90
C CYS A 641 -23.62 -9.19 -18.23
N VAL A 642 -23.67 -8.86 -19.52
CA VAL A 642 -24.14 -7.57 -20.01
C VAL A 642 -25.48 -7.16 -19.40
N GLU A 643 -26.45 -8.08 -19.37
CA GLU A 643 -27.79 -7.76 -18.87
C GLU A 643 -27.80 -7.23 -17.45
N GLN A 644 -26.85 -7.68 -16.65
CA GLN A 644 -26.72 -7.28 -15.25
C GLN A 644 -25.81 -6.07 -15.05
N CYS A 645 -25.23 -5.53 -16.13
CA CYS A 645 -24.34 -4.38 -15.96
C CYS A 645 -25.15 -3.10 -15.93
N THR A 646 -24.70 -2.13 -15.16
CA THR A 646 -25.39 -0.84 -15.07
C THR A 646 -24.36 0.21 -14.62
N PHE A 647 -24.85 1.29 -14.05
CA PHE A 647 -24.02 2.35 -13.50
C PHE A 647 -24.73 2.95 -12.30
N MET A 648 -23.96 3.56 -11.39
CA MET A 648 -24.48 4.20 -10.18
C MET A 648 -24.72 5.68 -10.42
N ASP A 649 -25.63 6.28 -9.64
CA ASP A 649 -26.14 7.62 -9.89
C ASP A 649 -25.28 8.80 -9.39
N SER A 650 -24.15 8.55 -8.71
CA SER A 650 -23.28 9.65 -8.25
C SER A 650 -22.64 10.41 -9.42
N LYS A 651 -22.01 11.56 -9.11
CA LYS A 651 -21.41 12.51 -10.06
C LYS A 651 -20.63 11.85 -11.22
N MET A 652 -19.76 10.90 -10.89
CA MET A 652 -18.89 10.27 -11.90
C MET A 652 -19.51 9.09 -12.62
N LYS A 653 -20.78 8.76 -12.27
CA LYS A 653 -21.54 7.64 -12.90
C LYS A 653 -20.67 6.36 -12.93
N PRO A 654 -20.19 5.86 -11.78
CA PRO A 654 -19.34 4.66 -11.83
C PRO A 654 -20.05 3.47 -12.45
N LEU A 655 -19.34 2.66 -13.24
CA LEU A 655 -19.95 1.47 -13.89
C LEU A 655 -20.00 0.30 -12.93
N TRP A 656 -21.06 -0.50 -13.01
CA TRP A 656 -21.27 -1.69 -12.16
C TRP A 656 -21.23 -2.87 -13.14
N ILE A 657 -20.12 -3.63 -13.13
CA ILE A 657 -19.90 -4.68 -14.15
C ILE A 657 -19.96 -6.04 -13.50
N MET A 658 -20.85 -6.92 -14.01
CA MET A 658 -21.00 -8.26 -13.44
C MET A 658 -20.41 -9.29 -14.36
N TYR A 659 -19.86 -10.34 -13.78
CA TYR A 659 -19.28 -11.49 -14.45
C TYR A 659 -19.87 -12.79 -13.94
N SER A 660 -19.76 -13.86 -14.75
CA SER A 660 -20.13 -15.23 -14.36
C SER A 660 -19.12 -16.18 -14.95
N SER A 661 -18.97 -17.36 -14.32
CA SER A 661 -18.05 -18.38 -14.75
C SER A 661 -18.66 -19.73 -14.46
N GLU A 662 -19.02 -20.48 -15.50
CA GLU A 662 -19.59 -21.83 -15.31
C GLU A 662 -18.62 -22.73 -14.52
N GLU A 663 -17.29 -22.67 -14.79
CA GLU A 663 -16.30 -23.49 -14.07
C GLU A 663 -16.24 -23.18 -12.56
N ALA A 664 -16.46 -21.92 -12.18
CA ALA A 664 -16.43 -21.56 -10.76
C ALA A 664 -17.79 -21.72 -10.08
N GLY A 665 -18.85 -21.97 -10.86
CA GLY A 665 -20.22 -22.08 -10.35
C GLY A 665 -20.63 -20.77 -9.70
N SER A 666 -21.29 -20.83 -8.52
CA SER A 666 -21.70 -19.65 -7.73
C SER A 666 -20.57 -18.67 -7.39
N ALA A 667 -19.35 -19.19 -7.16
CA ALA A 667 -18.16 -18.40 -6.81
C ALA A 667 -17.66 -17.53 -7.97
N GLY A 668 -18.05 -17.87 -9.19
CA GLY A 668 -17.68 -17.13 -10.40
C GLY A 668 -18.51 -15.88 -10.61
N ASN A 669 -19.62 -15.72 -9.82
CA ASN A 669 -20.51 -14.57 -9.90
C ASN A 669 -19.86 -13.47 -9.10
N VAL A 670 -19.19 -12.58 -9.79
CA VAL A 670 -18.41 -11.52 -9.16
C VAL A 670 -18.69 -10.22 -9.90
N GLY A 671 -18.49 -9.13 -9.21
CA GLY A 671 -18.70 -7.81 -9.80
C GLY A 671 -17.53 -6.89 -9.53
N ILE A 672 -17.39 -5.90 -10.41
CA ILE A 672 -16.40 -4.83 -10.26
C ILE A 672 -17.07 -3.51 -10.53
N ILE A 673 -16.60 -2.49 -9.83
CA ILE A 673 -17.08 -1.12 -10.04
C ILE A 673 -15.91 -0.40 -10.68
N PHE A 674 -16.13 0.28 -11.80
CA PHE A 674 -15.07 1.03 -12.47
C PHE A 674 -15.41 2.50 -12.20
N LYS A 675 -14.50 3.23 -11.57
CA LYS A 675 -14.77 4.63 -11.24
C LYS A 675 -13.70 5.54 -11.82
N ASN A 676 -14.13 6.55 -12.58
CA ASN A 676 -13.19 7.46 -13.21
C ASN A 676 -13.61 8.89 -12.91
N GLY A 677 -12.71 9.65 -12.34
CA GLY A 677 -12.95 11.05 -12.00
C GLY A 677 -12.50 11.40 -10.60
N ASP A 678 -12.37 10.38 -9.71
CA ASP A 678 -11.92 10.56 -8.34
C ASP A 678 -10.57 9.90 -8.06
N ASP A 679 -9.79 10.46 -7.12
CA ASP A 679 -8.53 9.88 -6.70
C ASP A 679 -8.97 8.81 -5.67
N LEU A 680 -8.67 7.51 -5.94
CA LEU A 680 -9.08 6.41 -5.04
C LEU A 680 -7.99 6.02 -4.04
N ARG A 681 -6.86 6.72 -4.04
CA ARG A 681 -5.74 6.32 -3.17
C ARG A 681 -6.07 6.32 -1.69
N GLN A 682 -6.81 7.32 -1.23
CA GLN A 682 -7.15 7.38 0.21
C GLN A 682 -8.15 6.27 0.59
N ASP A 683 -9.08 5.94 -0.33
CA ASP A 683 -10.01 4.82 -0.07
C ASP A 683 -9.21 3.56 0.06
N MET A 684 -8.27 3.31 -0.87
CA MET A 684 -7.45 2.09 -0.80
C MET A 684 -6.68 2.03 0.52
N LEU A 685 -6.01 3.13 0.92
CA LEU A 685 -5.28 3.15 2.21
C LEU A 685 -6.22 2.84 3.39
N THR A 686 -7.38 3.50 3.44
CA THR A 686 -8.32 3.27 4.55
C THR A 686 -8.74 1.79 4.61
N LEU A 687 -9.10 1.20 3.47
CA LEU A 687 -9.49 -0.20 3.43
C LEU A 687 -8.36 -1.13 3.78
N GLN A 688 -7.12 -0.80 3.35
CA GLN A 688 -5.98 -1.64 3.71
C GLN A 688 -5.72 -1.55 5.23
N MET A 689 -5.92 -0.37 5.87
CA MET A 689 -5.78 -0.19 7.34
C MET A 689 -6.89 -0.97 8.06
N ILE A 690 -8.12 -0.95 7.52
CA ILE A 690 -9.21 -1.78 8.08
C ILE A 690 -8.85 -3.26 7.97
N GLN A 691 -8.30 -3.69 6.80
CA GLN A 691 -7.88 -5.09 6.61
C GLN A 691 -6.79 -5.47 7.62
N LEU A 692 -5.87 -4.55 7.88
CA LEU A 692 -4.80 -4.80 8.89
C LEU A 692 -5.39 -4.96 10.30
N MET A 693 -6.40 -4.17 10.63
CA MET A 693 -7.04 -4.31 11.94
C MET A 693 -7.67 -5.68 12.03
N ASP A 694 -8.32 -6.12 10.96
CA ASP A 694 -8.96 -7.44 10.91
C ASP A 694 -7.92 -8.55 11.15
N VAL A 695 -6.71 -8.43 10.54
CA VAL A 695 -5.63 -9.41 10.72
C VAL A 695 -5.18 -9.43 12.17
N LEU A 696 -4.91 -8.25 12.74
CA LEU A 696 -4.45 -8.11 14.14
C LEU A 696 -5.46 -8.64 15.10
N TRP A 697 -6.76 -8.37 14.85
CA TRP A 697 -7.81 -8.92 15.72
C TRP A 697 -7.85 -10.47 15.62
N LYS A 698 -7.80 -11.00 14.38
CA LYS A 698 -7.84 -12.45 14.13
C LYS A 698 -6.63 -13.16 14.76
N GLN A 699 -5.48 -12.51 14.75
CA GLN A 699 -4.28 -13.08 15.39
C GLN A 699 -4.47 -13.25 16.89
N GLU A 700 -5.41 -12.48 17.51
CA GLU A 700 -5.76 -12.60 18.95
C GLU A 700 -7.04 -13.44 19.13
N GLY A 701 -7.45 -14.11 18.07
CA GLY A 701 -8.63 -14.96 18.07
C GLY A 701 -9.93 -14.18 18.08
N LEU A 702 -9.91 -12.91 17.61
CA LEU A 702 -11.13 -12.10 17.55
C LEU A 702 -11.52 -11.88 16.11
N ASP A 703 -12.66 -12.48 15.68
CA ASP A 703 -13.13 -12.29 14.31
C ASP A 703 -14.36 -11.35 14.34
N LEU A 704 -14.17 -10.09 13.94
CA LEU A 704 -15.29 -9.14 13.98
C LEU A 704 -16.08 -9.09 12.67
N ARG A 705 -15.91 -10.11 11.79
CA ARG A 705 -16.73 -10.28 10.57
C ARG A 705 -16.71 -9.02 9.69
N MET A 706 -15.50 -8.51 9.43
CA MET A 706 -15.32 -7.28 8.65
C MET A 706 -15.46 -7.53 7.16
N THR A 707 -15.59 -6.46 6.36
CA THR A 707 -15.71 -6.59 4.90
C THR A 707 -14.72 -5.61 4.27
N PRO A 708 -13.43 -5.92 4.32
CA PRO A 708 -12.46 -5.01 3.69
C PRO A 708 -12.43 -5.36 2.18
N TYR A 709 -13.42 -4.89 1.44
CA TYR A 709 -13.53 -5.16 -0.02
C TYR A 709 -12.35 -4.47 -0.76
N GLY A 710 -11.99 -4.99 -1.92
CA GLY A 710 -10.87 -4.45 -2.70
C GLY A 710 -11.15 -3.08 -3.28
N CYS A 711 -10.08 -2.26 -3.35
CA CYS A 711 -10.15 -0.94 -3.98
C CYS A 711 -8.75 -0.72 -4.54
N LEU A 712 -8.66 -0.49 -5.85
CA LEU A 712 -7.38 -0.36 -6.49
C LEU A 712 -7.30 0.79 -7.49
N PRO A 713 -6.48 1.83 -7.24
CA PRO A 713 -6.27 2.84 -8.28
C PRO A 713 -5.52 2.15 -9.42
N THR A 714 -5.91 2.41 -10.67
CA THR A 714 -5.26 1.79 -11.85
C THR A 714 -4.67 2.84 -12.81
N GLY A 715 -5.09 4.08 -12.66
CA GLY A 715 -4.68 5.16 -13.55
C GLY A 715 -4.99 6.51 -12.96
N ASP A 716 -4.91 7.54 -13.80
CA ASP A 716 -5.15 8.93 -13.37
C ASP A 716 -6.62 9.05 -12.98
N ARG A 717 -6.89 9.25 -11.68
CA ARG A 717 -8.25 9.39 -11.13
C ARG A 717 -9.13 8.23 -11.61
N THR A 718 -8.53 7.03 -11.64
CA THR A 718 -9.22 5.84 -12.13
C THR A 718 -8.90 4.68 -11.25
N GLY A 719 -9.88 3.80 -11.10
CA GLY A 719 -9.62 2.53 -10.41
C GLY A 719 -10.84 1.65 -10.37
N LEU A 720 -10.67 0.51 -9.70
CA LEU A 720 -11.71 -0.48 -9.51
C LEU A 720 -12.01 -0.63 -8.06
N ILE A 721 -13.24 -1.04 -7.79
CA ILE A 721 -13.71 -1.33 -6.43
C ILE A 721 -14.46 -2.68 -6.53
N GLU A 722 -14.23 -3.57 -5.55
CA GLU A 722 -14.85 -4.88 -5.57
C GLU A 722 -16.31 -4.79 -5.15
N VAL A 723 -17.17 -5.49 -5.87
CA VAL A 723 -18.59 -5.54 -5.49
C VAL A 723 -18.76 -6.57 -4.37
N VAL A 724 -19.54 -6.20 -3.33
CA VAL A 724 -19.95 -7.11 -2.27
C VAL A 724 -21.40 -7.46 -2.66
N LEU A 725 -21.62 -8.68 -3.11
CA LEU A 725 -22.97 -9.05 -3.55
C LEU A 725 -23.86 -9.29 -2.33
N HIS A 726 -25.18 -9.35 -2.53
CA HIS A 726 -26.15 -9.61 -1.46
C HIS A 726 -26.03 -8.56 -0.32
N SER A 727 -25.89 -7.29 -0.69
CA SER A 727 -25.77 -6.22 0.27
C SER A 727 -26.61 -5.06 -0.16
N ASP A 728 -26.99 -4.20 0.78
CA ASP A 728 -27.79 -3.01 0.44
C ASP A 728 -27.41 -1.90 1.40
N THR A 729 -27.67 -0.64 1.05
CA THR A 729 -27.32 0.46 1.94
C THR A 729 -28.35 0.54 3.04
N ILE A 730 -27.94 1.09 4.21
CA ILE A 730 -28.90 1.35 5.31
C ILE A 730 -30.02 2.29 4.81
N ALA A 731 -29.65 3.32 4.03
CA ALA A 731 -30.61 4.29 3.48
C ALA A 731 -31.72 3.58 2.71
N ASN A 732 -31.37 2.64 1.79
N ASN A 732 -31.37 2.64 1.79
CA ASN A 732 -32.34 1.90 0.98
CA ASN A 732 -32.36 1.91 0.98
C ASN A 732 -33.25 1.04 1.83
C ASN A 732 -33.26 1.07 1.84
N ILE A 733 -32.69 0.36 2.84
CA ILE A 733 -33.50 -0.45 3.77
C ILE A 733 -34.42 0.44 4.59
N GLN A 734 -33.93 1.61 5.03
CA GLN A 734 -34.73 2.52 5.85
C GLN A 734 -35.78 3.31 5.08
N LEU A 735 -35.83 3.18 3.74
CA LEU A 735 -36.88 3.83 2.95
C LEU A 735 -38.21 3.20 3.35
N ASN A 736 -38.16 1.98 3.93
CA ASN A 736 -39.37 1.33 4.45
C ASN A 736 -40.50 1.30 3.42
N LYS A 737 -40.16 0.82 2.21
CA LYS A 737 -41.11 0.72 1.09
C LYS A 737 -42.25 -0.24 1.46
N SER A 738 -43.45 0.05 0.94
CA SER A 738 -44.63 -0.78 1.18
C SER A 738 -44.55 -2.07 0.34
N ASN A 739 -45.34 -3.10 0.71
CA ASN A 739 -45.43 -4.40 0.01
C ASN A 739 -44.04 -5.04 -0.16
N MET A 740 -43.30 -5.09 0.95
CA MET A 740 -41.98 -5.70 1.00
C MET A 740 -41.98 -6.57 2.26
N ALA A 741 -41.14 -7.62 2.29
CA ALA A 741 -41.04 -8.51 3.45
C ALA A 741 -40.54 -7.73 4.70
N ALA A 742 -39.74 -6.67 4.51
CA ALA A 742 -39.20 -5.81 5.58
C ALA A 742 -40.14 -4.65 6.08
N THR A 743 -41.23 -4.29 5.35
CA THR A 743 -42.14 -3.18 5.74
C THR A 743 -42.43 -3.18 7.27
N ALA A 744 -42.42 -1.97 7.92
CA ALA A 744 -42.53 -1.87 9.39
C ALA A 744 -43.54 -0.87 9.97
N ALA A 745 -44.02 -1.15 11.20
CA ALA A 745 -44.91 -0.30 11.99
C ALA A 745 -44.17 0.94 12.48
N PHE A 746 -42.88 0.78 12.80
CA PHE A 746 -41.99 1.85 13.25
C PHE A 746 -40.74 1.81 12.42
N ASN A 747 -40.25 2.97 11.93
CA ASN A 747 -39.05 2.98 11.10
C ASN A 747 -37.86 2.29 11.80
N LYS A 748 -37.79 2.35 13.14
CA LYS A 748 -36.71 1.68 13.88
C LYS A 748 -36.70 0.15 13.65
N ASP A 749 -37.86 -0.44 13.26
CA ASP A 749 -37.96 -1.89 13.03
C ASP A 749 -37.45 -2.29 11.62
N ALA A 750 -37.29 -1.33 10.67
CA ALA A 750 -36.94 -1.63 9.28
C ALA A 750 -35.71 -2.52 9.13
N LEU A 751 -34.59 -2.16 9.79
CA LEU A 751 -33.35 -2.94 9.62
C LEU A 751 -33.53 -4.38 10.16
N LEU A 752 -34.06 -4.50 11.38
CA LEU A 752 -34.31 -5.81 11.97
C LEU A 752 -35.30 -6.65 11.12
N ASN A 753 -36.37 -6.03 10.61
CA ASN A 753 -37.34 -6.72 9.73
C ASN A 753 -36.65 -7.22 8.46
N TRP A 754 -35.72 -6.42 7.90
CA TRP A 754 -34.97 -6.80 6.70
C TRP A 754 -34.10 -8.00 7.04
N LEU A 755 -33.36 -7.96 8.16
CA LEU A 755 -32.51 -9.08 8.60
C LEU A 755 -33.35 -10.36 8.81
N LYS A 756 -34.53 -10.24 9.40
CA LYS A 756 -35.44 -11.38 9.62
C LYS A 756 -35.89 -12.02 8.28
N SER A 757 -36.20 -11.20 7.26
CA SER A 757 -36.62 -11.65 5.93
C SER A 757 -35.47 -12.41 5.21
N LYS A 758 -34.22 -12.03 5.47
CA LYS A 758 -33.07 -12.69 4.85
C LYS A 758 -32.61 -13.88 5.67
N ASN A 759 -33.01 -13.93 6.96
CA ASN A 759 -32.53 -14.99 7.86
C ASN A 759 -33.72 -15.56 8.67
N PRO A 760 -34.64 -16.27 8.01
CA PRO A 760 -35.81 -16.78 8.74
C PRO A 760 -35.51 -17.90 9.72
N GLY A 761 -36.37 -18.03 10.74
CA GLY A 761 -36.27 -19.04 11.79
C GLY A 761 -35.05 -18.94 12.68
N GLU A 762 -34.33 -20.06 12.84
CA GLU A 762 -33.15 -20.15 13.72
C GLU A 762 -31.94 -19.36 13.23
N ALA A 763 -31.92 -19.03 11.94
CA ALA A 763 -30.82 -18.27 11.32
C ALA A 763 -30.77 -16.79 11.77
N LEU A 764 -31.86 -16.23 12.32
CA LEU A 764 -31.89 -14.82 12.75
C LEU A 764 -30.82 -14.52 13.79
N ASP A 765 -30.68 -15.38 14.81
CA ASP A 765 -29.69 -15.22 15.88
C ASP A 765 -28.28 -15.03 15.37
N ARG A 766 -27.86 -15.84 14.37
CA ARG A 766 -26.52 -15.75 13.82
C ARG A 766 -26.35 -14.39 13.12
N ALA A 767 -27.39 -13.94 12.41
CA ALA A 767 -27.31 -12.67 11.66
C ALA A 767 -27.18 -11.49 12.62
N ILE A 768 -27.94 -11.51 13.71
CA ILE A 768 -27.81 -10.46 14.73
C ILE A 768 -26.40 -10.44 15.34
N GLU A 769 -25.82 -11.63 15.58
CA GLU A 769 -24.43 -11.71 16.09
C GLU A 769 -23.42 -11.15 15.05
N GLU A 770 -23.57 -11.48 13.74
CA GLU A 770 -22.68 -10.96 12.67
C GLU A 770 -22.77 -9.42 12.66
N PHE A 771 -23.99 -8.90 12.80
CA PHE A 771 -24.23 -7.44 12.82
C PHE A 771 -23.50 -6.83 14.01
N THR A 772 -23.64 -7.43 15.19
CA THR A 772 -23.05 -6.91 16.43
C THR A 772 -21.53 -6.85 16.35
N LEU A 773 -20.92 -7.97 15.94
CA LEU A 773 -19.47 -8.10 15.78
C LEU A 773 -18.94 -7.07 14.79
N SER A 774 -19.55 -6.99 13.60
CA SER A 774 -19.11 -6.05 12.54
C SER A 774 -19.35 -4.59 12.95
N CYS A 775 -20.48 -4.34 13.60
CA CYS A 775 -20.74 -3.01 14.12
C CYS A 775 -19.64 -2.59 15.10
N ALA A 776 -19.22 -3.49 16.01
CA ALA A 776 -18.14 -3.17 16.95
C ALA A 776 -16.83 -2.89 16.18
N GLY A 777 -16.49 -3.73 15.19
CA GLY A 777 -15.28 -3.55 14.39
C GLY A 777 -15.25 -2.19 13.69
N TYR A 778 -16.38 -1.82 13.04
CA TYR A 778 -16.42 -0.56 12.31
C TYR A 778 -16.50 0.65 13.25
N CYS A 779 -17.20 0.52 14.39
CA CYS A 779 -17.23 1.61 15.37
C CYS A 779 -15.77 1.96 15.79
N VAL A 780 -14.99 0.94 16.10
CA VAL A 780 -13.59 1.11 16.52
C VAL A 780 -12.74 1.61 15.36
N ALA A 781 -12.87 0.99 14.18
CA ALA A 781 -12.07 1.37 13.01
C ALA A 781 -12.32 2.83 12.62
N THR A 782 -13.59 3.26 12.56
CA THR A 782 -13.89 4.66 12.15
C THR A 782 -13.44 5.68 13.21
N TYR A 783 -13.53 5.32 14.48
CA TYR A 783 -13.06 6.17 15.58
C TYR A 783 -11.51 6.31 15.52
N VAL A 784 -10.78 5.19 15.45
CA VAL A 784 -9.32 5.19 15.42
C VAL A 784 -8.79 6.00 14.21
N LEU A 785 -9.37 5.74 13.03
CA LEU A 785 -8.96 6.40 11.79
C LEU A 785 -9.60 7.76 11.59
N GLY A 786 -10.48 8.18 12.51
CA GLY A 786 -11.18 9.46 12.39
C GLY A 786 -11.99 9.59 11.10
N ILE A 787 -12.66 8.49 10.67
CA ILE A 787 -13.46 8.45 9.45
C ILE A 787 -14.72 9.27 9.75
N GLY A 788 -14.90 10.38 9.03
CA GLY A 788 -16.06 11.25 9.23
C GLY A 788 -17.07 11.16 8.11
N ASP A 789 -18.09 12.06 8.13
CA ASP A 789 -19.13 12.14 7.08
C ASP A 789 -19.87 10.78 6.91
N ARG A 790 -20.14 10.09 8.03
CA ARG A 790 -20.80 8.79 8.03
C ARG A 790 -22.31 8.98 8.07
N HIS A 791 -23.00 8.46 7.06
CA HIS A 791 -24.46 8.57 6.97
C HIS A 791 -25.06 7.27 6.42
N SER A 792 -26.40 7.18 6.37
CA SER A 792 -27.09 5.95 5.95
C SER A 792 -26.79 5.51 4.49
N ASP A 793 -26.32 6.43 3.62
CA ASP A 793 -25.98 6.11 2.23
C ASP A 793 -24.57 5.53 2.10
N ASN A 794 -23.72 5.64 3.13
CA ASN A 794 -22.35 5.09 2.99
C ASN A 794 -22.07 4.01 4.01
N ILE A 795 -23.13 3.42 4.54
CA ILE A 795 -23.07 2.27 5.45
C ILE A 795 -23.98 1.24 4.80
N MET A 796 -23.47 0.02 4.68
CA MET A 796 -24.17 -1.05 4.02
C MET A 796 -24.29 -2.29 4.94
N ILE A 797 -25.20 -3.20 4.59
CA ILE A 797 -25.40 -4.45 5.31
C ILE A 797 -25.50 -5.59 4.34
N ARG A 798 -24.86 -6.69 4.68
CA ARG A 798 -24.92 -7.92 3.92
C ARG A 798 -26.10 -8.72 4.42
N GLU A 799 -26.63 -9.61 3.56
CA GLU A 799 -27.78 -10.44 3.97
C GLU A 799 -27.43 -11.34 5.18
N SER A 800 -26.15 -11.66 5.32
CA SER A 800 -25.55 -12.41 6.45
C SER A 800 -25.70 -11.64 7.80
N GLY A 801 -25.91 -10.33 7.71
CA GLY A 801 -26.05 -9.47 8.89
C GLY A 801 -24.86 -8.55 9.08
N GLN A 802 -23.77 -8.80 8.36
CA GLN A 802 -22.55 -8.01 8.51
C GLN A 802 -22.74 -6.58 8.04
N LEU A 803 -22.39 -5.62 8.88
CA LEU A 803 -22.43 -4.20 8.51
C LEU A 803 -21.07 -3.81 7.99
N PHE A 804 -21.01 -2.90 6.98
CA PHE A 804 -19.71 -2.42 6.54
C PHE A 804 -19.83 -0.99 6.03
N HIS A 805 -18.72 -0.27 5.99
CA HIS A 805 -18.71 1.12 5.51
C HIS A 805 -18.16 1.18 4.10
N ILE A 806 -18.59 2.18 3.33
CA ILE A 806 -18.08 2.42 1.99
C ILE A 806 -17.71 3.87 1.85
N ASP A 807 -17.01 4.17 0.76
CA ASP A 807 -16.75 5.53 0.29
C ASP A 807 -16.10 6.40 1.32
N PHE A 808 -14.80 6.16 1.51
CA PHE A 808 -14.01 6.82 2.55
C PHE A 808 -13.43 8.16 2.08
N GLY A 809 -14.31 9.13 1.93
CA GLY A 809 -13.94 10.48 1.51
C GLY A 809 -13.00 11.22 2.44
N HIS A 810 -13.22 11.08 3.75
CA HIS A 810 -12.46 11.83 4.75
C HIS A 810 -12.00 10.98 5.92
N PHE A 811 -10.74 11.19 6.36
CA PHE A 811 -10.20 10.47 7.52
C PHE A 811 -9.28 11.38 8.34
N LEU A 812 -8.74 10.85 9.45
CA LEU A 812 -7.88 11.56 10.41
C LEU A 812 -8.49 12.91 10.85
N GLY A 813 -9.82 12.91 10.98
CA GLY A 813 -10.61 14.05 11.42
C GLY A 813 -10.66 15.25 10.50
N ASN A 814 -10.17 15.09 9.24
CA ASN A 814 -10.14 16.14 8.22
C ASN A 814 -11.40 16.03 7.36
N ARG A 823 -10.09 20.55 10.09
CA ARG A 823 -9.62 19.51 11.02
C ARG A 823 -10.35 19.58 12.36
N GLU A 824 -11.05 18.48 12.72
CA GLU A 824 -11.81 18.37 13.97
C GLU A 824 -11.70 16.95 14.55
N ARG A 825 -11.73 16.83 15.89
CA ARG A 825 -11.65 15.52 16.52
C ARG A 825 -13.01 14.81 16.39
N VAL A 826 -13.02 13.73 15.57
CA VAL A 826 -14.21 12.92 15.30
C VAL A 826 -14.51 12.09 16.55
N PRO A 827 -15.70 12.25 17.15
CA PRO A 827 -16.01 11.48 18.35
C PRO A 827 -16.40 10.03 18.00
N PHE A 828 -16.43 9.15 19.00
CA PHE A 828 -16.88 7.78 18.81
C PHE A 828 -18.38 7.88 18.49
N ILE A 829 -18.89 7.07 17.56
CA ILE A 829 -20.30 7.15 17.17
C ILE A 829 -21.06 5.85 17.43
N LEU A 830 -22.22 5.98 18.11
CA LEU A 830 -23.18 4.93 18.40
C LEU A 830 -24.53 5.37 17.86
N THR A 831 -25.04 4.69 16.82
CA THR A 831 -26.32 5.02 16.19
C THR A 831 -27.45 4.21 16.79
N TYR A 832 -28.58 4.87 17.18
CA TYR A 832 -29.72 4.21 17.82
C TYR A 832 -30.33 3.06 17.02
N ASP A 833 -30.44 3.23 15.69
CA ASP A 833 -30.97 2.21 14.76
C ASP A 833 -30.17 0.87 14.86
N PHE A 834 -28.87 1.00 15.03
CA PHE A 834 -27.94 -0.13 15.11
C PHE A 834 -27.96 -0.72 16.54
N VAL A 835 -28.04 0.13 17.58
CA VAL A 835 -28.16 -0.28 19.00
C VAL A 835 -29.42 -1.14 19.10
N HIS A 836 -30.49 -0.72 18.41
CA HIS A 836 -31.76 -1.40 18.35
C HIS A 836 -31.67 -2.85 17.81
N VAL A 837 -30.91 -3.08 16.72
CA VAL A 837 -30.67 -4.45 16.19
C VAL A 837 -29.82 -5.31 17.22
N ILE A 838 -28.74 -4.71 17.76
CA ILE A 838 -27.83 -5.36 18.75
C ILE A 838 -28.66 -5.87 19.94
N GLN A 839 -29.63 -5.05 20.38
CA GLN A 839 -30.53 -5.35 21.48
C GLN A 839 -31.70 -6.25 21.09
N GLN A 840 -31.64 -6.85 19.88
CA GLN A 840 -32.65 -7.80 19.38
C GLN A 840 -34.05 -7.18 19.28
N GLY A 841 -34.13 -5.87 19.08
CA GLY A 841 -35.37 -5.10 18.96
C GLY A 841 -35.96 -4.67 20.29
N LYS A 842 -35.37 -5.09 21.43
CA LYS A 842 -35.87 -4.75 22.76
C LYS A 842 -35.37 -3.36 23.17
N THR A 843 -36.21 -2.61 23.89
CA THR A 843 -35.86 -1.27 24.40
C THR A 843 -34.71 -1.39 25.43
N ASN A 844 -34.79 -2.41 26.27
CA ASN A 844 -33.81 -2.65 27.30
C ASN A 844 -33.23 -4.05 27.12
N ASN A 845 -31.93 -4.11 26.92
CA ASN A 845 -31.26 -5.40 26.77
C ASN A 845 -29.80 -5.16 27.10
N SER A 846 -29.51 -4.89 28.38
CA SER A 846 -28.13 -4.61 28.80
C SER A 846 -27.20 -5.79 28.55
N GLU A 847 -27.73 -7.03 28.60
CA GLU A 847 -26.92 -8.23 28.36
C GLU A 847 -26.29 -8.16 26.98
N LYS A 848 -27.10 -7.82 25.95
CA LYS A 848 -26.55 -7.77 24.60
C LYS A 848 -25.77 -6.50 24.36
N PHE A 849 -26.27 -5.35 24.85
CA PHE A 849 -25.54 -4.09 24.61
C PHE A 849 -24.13 -4.11 25.24
N GLU A 850 -24.03 -4.63 26.47
CA GLU A 850 -22.73 -4.67 27.14
C GLU A 850 -21.77 -5.71 26.55
N ARG A 851 -22.31 -6.78 25.91
CA ARG A 851 -21.42 -7.73 25.16
C ARG A 851 -20.81 -6.97 24.00
N PHE A 852 -21.64 -6.14 23.34
CA PHE A 852 -21.17 -5.31 22.25
C PHE A 852 -20.11 -4.32 22.74
N ARG A 853 -20.32 -3.66 23.91
CA ARG A 853 -19.29 -2.76 24.48
C ARG A 853 -17.95 -3.56 24.71
N GLY A 854 -18.05 -4.78 25.24
CA GLY A 854 -16.89 -5.65 25.46
C GLY A 854 -16.14 -5.92 24.17
N TYR A 855 -16.87 -6.16 23.05
CA TYR A 855 -16.20 -6.34 21.74
C TYR A 855 -15.45 -5.10 21.32
N CYS A 856 -16.07 -3.89 21.46
CA CYS A 856 -15.42 -2.60 21.13
C CYS A 856 -14.15 -2.43 21.95
N GLU A 857 -14.24 -2.64 23.28
CA GLU A 857 -13.07 -2.50 24.15
C GLU A 857 -11.95 -3.46 23.80
N ARG A 858 -12.28 -4.77 23.56
CA ARG A 858 -11.28 -5.76 23.16
C ARG A 858 -10.59 -5.37 21.87
N ALA A 859 -11.38 -4.93 20.85
CA ALA A 859 -10.89 -4.50 19.54
C ALA A 859 -9.94 -3.32 19.72
N TYR A 860 -10.38 -2.33 20.49
CA TYR A 860 -9.57 -1.12 20.73
C TYR A 860 -8.24 -1.45 21.43
N THR A 861 -8.28 -2.28 22.49
CA THR A 861 -7.06 -2.60 23.25
C THR A 861 -6.07 -3.39 22.37
N ILE A 862 -6.56 -4.26 21.48
CA ILE A 862 -5.67 -4.98 20.54
C ILE A 862 -4.96 -3.96 19.63
N LEU A 863 -5.71 -3.01 19.01
CA LEU A 863 -5.09 -2.02 18.12
C LEU A 863 -4.03 -1.18 18.83
N ARG A 864 -4.32 -0.75 20.09
CA ARG A 864 -3.34 0.04 20.87
C ARG A 864 -2.01 -0.67 21.02
N ARG A 865 -2.04 -2.00 21.23
CA ARG A 865 -0.85 -2.84 21.38
C ARG A 865 0.01 -2.79 20.12
N HIS A 866 -0.62 -2.57 18.94
CA HIS A 866 0.07 -2.47 17.66
C HIS A 866 0.13 -1.03 17.18
N GLY A 867 -0.03 -0.10 18.13
CA GLY A 867 -0.06 1.33 17.87
C GLY A 867 1.11 1.82 17.04
N LEU A 868 2.31 1.34 17.37
CA LEU A 868 3.52 1.75 16.65
C LEU A 868 3.53 1.32 15.20
N LEU A 869 2.99 0.13 14.89
CA LEU A 869 2.88 -0.36 13.52
C LEU A 869 2.03 0.62 12.68
N PHE A 870 0.86 1.03 13.20
CA PHE A 870 0.02 2.00 12.50
C PHE A 870 0.76 3.31 12.32
N LEU A 871 1.42 3.83 13.39
CA LEU A 871 2.17 5.09 13.25
C LEU A 871 3.28 5.01 12.19
N HIS A 872 4.11 3.94 12.21
CA HIS A 872 5.22 3.76 11.24
C HIS A 872 4.67 3.68 9.79
N LEU A 873 3.57 2.94 9.58
CA LEU A 873 2.96 2.81 8.25
C LEU A 873 2.37 4.09 7.76
N PHE A 874 1.65 4.86 8.64
CA PHE A 874 1.12 6.15 8.25
C PHE A 874 2.26 7.16 8.00
N ALA A 875 3.38 7.05 8.75
CA ALA A 875 4.54 7.94 8.56
C ALA A 875 5.09 7.75 7.15
N LEU A 876 5.22 6.50 6.71
CA LEU A 876 5.71 6.17 5.37
C LEU A 876 4.72 6.67 4.28
N MET A 877 3.41 6.64 4.59
CA MET A 877 2.35 7.09 3.68
C MET A 877 2.38 8.57 3.38
N ARG A 878 3.04 9.38 4.24
CA ARG A 878 3.20 10.82 4.00
C ARG A 878 3.83 11.07 2.62
N ALA A 879 4.69 10.13 2.16
CA ALA A 879 5.32 10.16 0.82
C ALA A 879 4.28 10.22 -0.33
N ALA A 880 3.07 9.66 -0.13
CA ALA A 880 2.01 9.63 -1.15
C ALA A 880 1.51 11.04 -1.56
N GLY A 881 1.63 12.02 -0.68
CA GLY A 881 1.17 13.37 -0.92
C GLY A 881 -0.35 13.54 -0.87
N LEU A 882 -1.06 12.68 -0.09
CA LEU A 882 -2.53 12.78 0.07
C LEU A 882 -2.81 14.06 0.89
N PRO A 883 -3.72 14.98 0.47
CA PRO A 883 -3.90 16.22 1.25
C PRO A 883 -4.28 16.01 2.72
N GLU A 884 -4.99 14.90 3.04
CA GLU A 884 -5.40 14.60 4.43
C GLU A 884 -4.33 13.83 5.24
N LEU A 885 -3.15 13.61 4.63
CA LEU A 885 -2.00 12.97 5.28
C LEU A 885 -0.72 13.65 4.75
N SER A 886 -0.53 14.92 5.16
CA SER A 886 0.57 15.74 4.68
C SER A 886 1.49 16.33 5.77
N CYS A 887 1.08 16.26 7.06
CA CYS A 887 1.90 16.80 8.15
C CYS A 887 1.85 15.96 9.45
N SER A 888 2.52 16.45 10.52
CA SER A 888 2.60 15.82 11.83
C SER A 888 1.25 15.81 12.55
N LYS A 889 0.44 16.85 12.33
CA LYS A 889 -0.91 16.98 12.91
C LYS A 889 -1.81 15.81 12.50
N ASP A 890 -1.69 15.35 11.23
CA ASP A 890 -2.45 14.22 10.70
C ASP A 890 -2.10 12.93 11.46
N ILE A 891 -0.79 12.70 11.71
CA ILE A 891 -0.30 11.54 12.46
C ILE A 891 -0.58 11.70 13.98
N GLN A 892 -0.67 12.96 14.49
CA GLN A 892 -1.00 13.25 15.89
C GLN A 892 -2.42 12.75 16.17
N TYR A 893 -3.29 12.82 15.16
CA TYR A 893 -4.66 12.32 15.24
C TYR A 893 -4.69 10.83 15.65
N LEU A 894 -3.84 10.00 15.03
CA LEU A 894 -3.70 8.58 15.33
C LEU A 894 -3.11 8.36 16.70
N LYS A 895 -2.14 9.21 17.09
CA LYS A 895 -1.53 9.11 18.43
C LYS A 895 -2.58 9.35 19.52
N ASP A 896 -3.51 10.30 19.28
CA ASP A 896 -4.58 10.65 20.24
C ASP A 896 -5.66 9.58 20.24
N SER A 897 -6.14 9.16 19.05
CA SER A 897 -7.18 8.13 18.94
C SER A 897 -6.74 6.82 19.61
N LEU A 898 -5.46 6.44 19.48
CA LEU A 898 -4.93 5.25 20.11
C LEU A 898 -4.38 5.53 21.53
N ALA A 899 -4.44 6.81 22.00
CA ALA A 899 -3.97 7.25 23.34
C ALA A 899 -2.65 6.55 23.73
N LEU A 900 -1.66 6.63 22.82
CA LEU A 900 -0.40 5.90 22.95
C LEU A 900 0.55 6.40 24.05
N GLY A 901 0.35 7.63 24.52
CA GLY A 901 1.18 8.15 25.62
C GLY A 901 0.79 7.60 26.97
N LYS A 902 -0.43 7.03 27.07
CA LYS A 902 -1.06 6.49 28.28
C LYS A 902 -0.77 5.02 28.56
N THR A 903 -1.06 4.60 29.80
CA THR A 903 -0.98 3.21 30.23
C THR A 903 -2.26 2.54 29.65
N GLU A 904 -2.32 1.19 29.59
CA GLU A 904 -3.52 0.51 29.07
C GLU A 904 -4.77 0.87 29.91
N GLU A 905 -4.60 1.03 31.24
CA GLU A 905 -5.69 1.37 32.14
C GLU A 905 -6.18 2.80 31.89
N GLU A 906 -5.24 3.75 31.67
CA GLU A 906 -5.57 5.16 31.40
C GLU A 906 -6.30 5.29 30.06
N ALA A 907 -5.80 4.59 29.03
CA ALA A 907 -6.40 4.60 27.67
C ALA A 907 -7.78 3.96 27.65
N LEU A 908 -7.98 2.86 28.42
CA LEU A 908 -9.27 2.19 28.48
C LEU A 908 -10.31 3.06 29.22
N LYS A 909 -9.86 3.76 30.29
CA LYS A 909 -10.70 4.71 31.02
C LYS A 909 -11.09 5.83 30.05
N HIS A 910 -10.12 6.33 29.27
CA HIS A 910 -10.36 7.40 28.29
C HIS A 910 -11.35 6.96 27.21
N PHE A 911 -11.19 5.73 26.68
CA PHE A 911 -12.07 5.16 25.65
C PHE A 911 -13.47 5.02 26.21
N ARG A 912 -13.60 4.54 27.48
CA ARG A 912 -14.87 4.38 28.17
C ARG A 912 -15.63 5.70 28.28
N VAL A 913 -14.90 6.83 28.52
CA VAL A 913 -15.51 8.17 28.60
C VAL A 913 -16.05 8.56 27.20
N LYS A 914 -15.27 8.26 26.13
CA LYS A 914 -15.67 8.53 24.74
C LYS A 914 -16.84 7.66 24.29
N PHE A 915 -16.88 6.39 24.75
CA PHE A 915 -17.95 5.43 24.42
C PHE A 915 -19.24 5.87 25.16
N ASN A 916 -19.12 6.26 26.43
CA ASN A 916 -20.24 6.74 27.24
C ASN A 916 -20.77 8.08 26.73
N GLU A 917 -19.88 8.97 26.23
CA GLU A 917 -20.25 10.26 25.63
C GLU A 917 -21.06 10.00 24.35
N ALA A 918 -20.66 8.99 23.59
CA ALA A 918 -21.33 8.57 22.36
C ALA A 918 -22.67 7.88 22.65
N LEU A 919 -22.80 7.18 23.81
CA LEU A 919 -24.05 6.51 24.18
C LEU A 919 -25.11 7.56 24.56
N ARG A 920 -24.71 8.57 25.38
CA ARG A 920 -25.55 9.70 25.81
C ARG A 920 -26.05 10.48 24.57
N GLU A 921 -25.18 10.66 23.56
CA GLU A 921 -25.49 11.31 22.29
C GLU A 921 -26.51 10.48 21.50
N SER A 922 -26.37 9.13 21.51
CA SER A 922 -27.26 8.15 20.90
C SER A 922 -28.64 8.19 21.59
N TRP A 923 -28.64 8.35 22.94
CA TRP A 923 -29.84 8.41 23.78
C TRP A 923 -30.72 9.64 23.52
N LYS A 924 -30.15 10.71 22.93
CA LYS A 924 -30.88 11.92 22.53
C LYS A 924 -31.86 11.56 21.38
N THR A 925 -31.68 10.36 20.77
CA THR A 925 -32.53 9.77 19.74
C THR A 925 -33.47 8.72 20.38
N LYS A 926 -32.97 7.93 21.38
CA LYS A 926 -33.75 6.91 22.12
C LYS A 926 -34.91 7.54 22.91
N VAL A 927 -34.73 8.79 23.40
CA VAL A 927 -35.74 9.56 24.14
C VAL A 927 -36.96 9.83 23.22
N ASN A 928 -36.69 10.06 21.90
CA ASN A 928 -37.72 10.30 20.89
C ASN A 928 -38.41 8.99 20.50
#